data_8YJ2
#
_entry.id   8YJ2
#
_cell.length_a   71.524
_cell.length_b   134.158
_cell.length_c   222.128
_cell.angle_alpha   90.00
_cell.angle_beta   90.00
_cell.angle_gamma   90.00
#
_symmetry.space_group_name_H-M   'C 2 2 21'
#
loop_
_entity.id
_entity.type
_entity.pdbx_description
1 polymer 'human leukocyte antigen'
2 polymer Beta-2-microglobulin
3 polymer ILE-LEU-ASP-THR-ALA-GLY-ARG-GLU-GLU-TYR
4 polymer 'tcr beta'
5 polymer 'tcr alpha'
6 water water
#
loop_
_entity_poly.entity_id
_entity_poly.type
_entity_poly.pdbx_seq_one_letter_code
_entity_poly.pdbx_strand_id
1 'polypeptide(L)'
;MGSHSMRYFFTSVSRPGRGEPRFIAVGYVDDTQFVRFDSDAASQKMEPRAPWIEQEGPEYWDQETRNMKAHSQTDRANLG
TLRGYYNQSEDGSHTIQIMYGCDVGPDGRFLRGYRQDAYDGKDYIALNEDLRSWTAADMAAQITKRKWEAVHAAEQRRVY
LEGRCVDGLRRYLENGKETLQRTDPPKTHMTHHPISDHEATLRCWALGFYPAEITLTWQRDGEDQTQDTELVETRPAGDG
TFQKWAAVVVPSGEEQRYTCHVQHEGLPKPLTLRWE
;
A
2 'polypeptide(L)'
;MIQRTPKIQVYSRHPAENGKSNFLNCYVSGFHPSDIEVDLLKNGERIEKVEHSDLSFSKDWSFYLLYYTEFTPTEKDEYA
CRVNHVTLSQPKIVKWDRDM
;
B
3 'polypeptide(L)' ILDTAGREEY C
4 'polypeptide(L)'
;MEAQVTQNPRYLITVTGKKLTVTCSQNMNHEYMSWYRQDPGLGLRQIYYSMNVEVTDKGDVPEGYKVSRKEKRNFPLILE
SPSPNQTSLYFCASSLVSTPLPKETQYFGPGTRLLVLEDLKNVFPPEVAVFEPSEAEISHTQKATLVCLATGFYPDHVEL
SWWVNGKEVHSGVCTDPQPLKEQPALNDSRYALSSRLRVSATFWQNPRNHFRCQVQFYGLSENDEWTQDRAKPVTQIVSA
EAWGRAD
;
E
5 'polypeptide(L)'
;MAQKVTQAQSSVSMPVRKAVTLNCLYETSWWSYYIFWYKQLPSKEMIFLIRQGSDEQNAKSGRYSVNFKKAAKSVALTIS
ALQLEDSAKYFCALGDTAGKSTFGDGTTLTVKPNIQNPDPAVYQLRDSKSSDKSVCLFTDFDSQTNVSQSKDSDVYITDK
CVLDMRSMDFKSNSAVAWSNKSDFACANAFNNSIIPEDTFFPSPESS
;
D
#
# COMPACT_ATOMS: atom_id res chain seq x y z
N GLY A 2 -2.06 -34.27 3.78
CA GLY A 2 -3.29 -33.50 3.76
C GLY A 2 -2.99 -32.05 3.44
N SER A 3 -2.88 -31.75 2.15
CA SER A 3 -2.57 -30.41 1.71
C SER A 3 -3.85 -29.59 1.56
N HIS A 4 -3.70 -28.28 1.49
CA HIS A 4 -4.84 -27.40 1.36
C HIS A 4 -4.56 -26.36 0.28
N SER A 5 -5.62 -25.62 -0.08
CA SER A 5 -5.58 -24.68 -1.19
C SER A 5 -6.33 -23.42 -0.83
N MET A 6 -5.88 -22.30 -1.41
CA MET A 6 -6.72 -21.10 -1.46
C MET A 6 -6.71 -20.60 -2.89
N ARG A 7 -7.88 -20.15 -3.36
CA ARG A 7 -8.03 -19.80 -4.77
C ARG A 7 -9.00 -18.64 -4.91
N TYR A 8 -8.71 -17.76 -5.85
CA TYR A 8 -9.62 -16.70 -6.24
C TYR A 8 -9.98 -16.85 -7.70
N PHE A 9 -11.25 -16.67 -8.00
CA PHE A 9 -11.76 -16.84 -9.36
C PHE A 9 -12.45 -15.54 -9.75
N PHE A 10 -11.87 -14.81 -10.68
CA PHE A 10 -12.41 -13.52 -11.13
C PHE A 10 -13.04 -13.66 -12.51
N THR A 11 -14.23 -13.04 -12.69
CA THR A 11 -14.87 -12.98 -13.99
C THR A 11 -15.29 -11.55 -14.28
N SER A 12 -14.88 -11.03 -15.43
CA SER A 12 -15.14 -9.65 -15.81
C SER A 12 -15.69 -9.63 -17.24
N VAL A 13 -16.89 -9.12 -17.41
CA VAL A 13 -17.65 -9.31 -18.65
C VAL A 13 -18.06 -7.95 -19.20
N SER A 14 -17.59 -7.62 -20.40
CA SER A 14 -18.09 -6.44 -21.10
C SER A 14 -19.50 -6.70 -21.60
N ARG A 15 -20.34 -5.69 -21.49
CA ARG A 15 -21.77 -5.76 -21.84
C ARG A 15 -22.12 -4.59 -22.75
N PRO A 16 -21.94 -4.69 -24.07
CA PRO A 16 -22.18 -3.58 -24.97
C PRO A 16 -23.70 -3.46 -25.11
N GLY A 17 -24.27 -2.41 -24.57
CA GLY A 17 -25.74 -2.28 -24.53
C GLY A 17 -26.36 -2.31 -23.14
N ARG A 18 -25.53 -2.27 -22.09
CA ARG A 18 -25.92 -2.50 -20.67
C ARG A 18 -24.94 -1.74 -19.78
N GLY A 19 -24.30 -0.74 -20.35
CA GLY A 19 -23.39 0.17 -19.63
C GLY A 19 -22.04 -0.42 -19.28
N GLU A 20 -21.69 -0.28 -18.02
CA GLU A 20 -20.43 -0.72 -17.40
C GLU A 20 -20.29 -2.26 -17.45
N PRO A 21 -19.07 -2.79 -17.43
CA PRO A 21 -18.89 -4.22 -17.38
C PRO A 21 -19.27 -4.86 -16.04
N ARG A 22 -19.52 -6.15 -16.00
CA ARG A 22 -19.81 -6.82 -14.70
C ARG A 22 -18.53 -7.44 -14.14
N PHE A 23 -18.27 -7.21 -12.87
CA PHE A 23 -17.07 -7.73 -12.22
C PHE A 23 -17.48 -8.66 -11.09
N ILE A 24 -17.02 -9.91 -11.15
CA ILE A 24 -17.37 -10.91 -10.16
C ILE A 24 -16.08 -11.58 -9.68
N ALA A 25 -16.05 -11.93 -8.39
CA ALA A 25 -14.92 -12.66 -7.85
C ALA A 25 -15.42 -13.54 -6.72
N VAL A 26 -14.87 -14.75 -6.62
CA VAL A 26 -15.17 -15.62 -5.50
C VAL A 26 -13.86 -16.19 -4.98
N GLY A 27 -13.82 -16.43 -3.67
CA GLY A 27 -12.67 -17.05 -3.04
C GLY A 27 -13.05 -18.39 -2.43
N TYR A 28 -12.09 -19.34 -2.48
CA TYR A 28 -12.25 -20.67 -1.92
C TYR A 28 -11.06 -21.04 -1.04
N VAL A 29 -11.33 -21.73 0.07
CA VAL A 29 -10.36 -22.59 0.73
C VAL A 29 -10.77 -24.04 0.45
N ASP A 30 -9.89 -24.81 -0.19
CA ASP A 30 -10.20 -26.18 -0.67
C ASP A 30 -11.48 -26.07 -1.51
N ASP A 31 -12.53 -26.83 -1.19
CA ASP A 31 -13.76 -26.82 -1.98
C ASP A 31 -14.86 -26.06 -1.26
N THR A 32 -14.50 -25.18 -0.34
CA THR A 32 -15.43 -24.35 0.41
C THR A 32 -15.25 -22.90 -0.02
N GLN A 33 -16.35 -22.28 -0.43
CA GLN A 33 -16.33 -20.87 -0.77
C GLN A 33 -16.41 -20.04 0.50
N PHE A 34 -15.66 -18.94 0.54
CA PHE A 34 -15.71 -18.07 1.71
C PHE A 34 -15.95 -16.59 1.43
N VAL A 35 -15.68 -16.07 0.23
CA VAL A 35 -16.03 -14.68 -0.10
C VAL A 35 -16.58 -14.57 -1.52
N ARG A 36 -17.23 -13.45 -1.78
CA ARG A 36 -17.78 -13.13 -3.09
C ARG A 36 -17.84 -11.62 -3.26
N PHE A 37 -17.73 -11.19 -4.51
CA PHE A 37 -17.97 -9.80 -4.87
C PHE A 37 -18.77 -9.78 -6.17
N ASP A 38 -19.72 -8.86 -6.28
CA ASP A 38 -20.49 -8.71 -7.52
C ASP A 38 -20.81 -7.24 -7.74
N SER A 39 -20.24 -6.65 -8.80
CA SER A 39 -20.46 -5.24 -9.09
C SER A 39 -21.92 -4.90 -9.42
N ASP A 40 -22.74 -5.90 -9.72
CA ASP A 40 -24.17 -5.69 -9.91
C ASP A 40 -24.95 -5.73 -8.61
N ALA A 41 -24.37 -6.25 -7.53
CA ALA A 41 -25.07 -6.31 -6.26
C ALA A 41 -25.11 -4.92 -5.63
N ALA A 42 -25.97 -4.77 -4.62
CA ALA A 42 -26.24 -3.44 -4.08
C ALA A 42 -25.12 -2.93 -3.18
N SER A 43 -24.42 -3.83 -2.48
CA SER A 43 -23.48 -3.40 -1.46
C SER A 43 -22.21 -2.79 -2.04
N GLN A 44 -21.77 -3.24 -3.22
CA GLN A 44 -20.47 -2.87 -3.78
C GLN A 44 -19.32 -3.29 -2.86
N LYS A 45 -19.55 -4.35 -2.13
CA LYS A 45 -18.51 -4.72 -1.18
C LYS A 45 -18.21 -6.19 -1.25
N MET A 46 -16.98 -6.53 -0.93
CA MET A 46 -16.64 -7.92 -0.65
C MET A 46 -17.47 -8.39 0.53
N GLU A 47 -18.06 -9.57 0.40
CA GLU A 47 -19.07 -10.09 1.32
C GLU A 47 -18.68 -11.49 1.80
N PRO A 48 -18.98 -11.80 3.07
CA PRO A 48 -18.67 -13.13 3.59
C PRO A 48 -19.60 -14.20 3.01
N ARG A 49 -19.04 -15.40 2.78
CA ARG A 49 -19.86 -16.54 2.36
C ARG A 49 -19.55 -17.82 3.14
N ALA A 50 -18.79 -17.75 4.23
CA ALA A 50 -18.59 -18.88 5.14
C ALA A 50 -18.58 -18.35 6.57
N PRO A 51 -19.04 -19.16 7.53
CA PRO A 51 -19.20 -18.62 8.90
C PRO A 51 -17.89 -18.24 9.56
N TRP A 52 -16.79 -18.94 9.29
CA TRP A 52 -15.52 -18.67 9.92
C TRP A 52 -14.82 -17.42 9.39
N ILE A 53 -15.31 -16.83 8.29
CA ILE A 53 -14.73 -15.57 7.80
C ILE A 53 -15.49 -14.37 8.35
N GLU A 54 -16.67 -14.58 8.96
CA GLU A 54 -17.43 -13.47 9.52
C GLU A 54 -16.77 -12.84 10.73
N GLN A 55 -15.79 -13.52 11.36
CA GLN A 55 -15.03 -12.90 12.44
C GLN A 55 -14.23 -11.71 11.94
N GLU A 56 -13.84 -11.72 10.67
CA GLU A 56 -12.98 -10.67 10.16
C GLU A 56 -13.67 -9.33 10.34
N GLY A 57 -12.90 -8.33 10.75
CA GLY A 57 -13.45 -7.05 11.11
C GLY A 57 -13.64 -6.10 9.95
N PRO A 58 -14.20 -4.92 10.23
CA PRO A 58 -14.62 -4.02 9.14
C PRO A 58 -13.47 -3.51 8.29
N GLU A 59 -12.25 -3.46 8.84
CA GLU A 59 -11.12 -3.02 8.05
C GLU A 59 -10.67 -4.10 7.06
N TYR A 60 -10.85 -5.38 7.38
CA TYR A 60 -10.57 -6.42 6.40
C TYR A 60 -11.53 -6.31 5.21
N TRP A 61 -12.83 -6.13 5.47
CA TRP A 61 -13.78 -6.02 4.35
C TRP A 61 -13.53 -4.75 3.54
N ASP A 62 -13.19 -3.65 4.19
CA ASP A 62 -12.87 -2.43 3.44
C ASP A 62 -11.59 -2.61 2.63
N GLN A 63 -10.58 -3.28 3.18
CA GLN A 63 -9.35 -3.50 2.44
C GLN A 63 -9.57 -4.42 1.24
N GLU A 64 -10.36 -5.49 1.40
CA GLU A 64 -10.65 -6.38 0.28
C GLU A 64 -11.50 -5.68 -0.78
N THR A 65 -12.45 -4.84 -0.35
CA THR A 65 -13.26 -4.09 -1.31
C THR A 65 -12.39 -3.15 -2.15
N ARG A 66 -11.42 -2.48 -1.51
CA ARG A 66 -10.53 -1.59 -2.26
C ARG A 66 -9.67 -2.37 -3.25
N ASN A 67 -9.17 -3.55 -2.88
CA ASN A 67 -8.40 -4.30 -3.85
C ASN A 67 -9.28 -4.82 -4.99
N MET A 68 -10.56 -5.14 -4.69
CA MET A 68 -11.49 -5.53 -5.75
C MET A 68 -11.76 -4.37 -6.70
N LYS A 69 -11.97 -3.18 -6.16
CA LYS A 69 -12.21 -2.00 -6.98
C LYS A 69 -11.02 -1.70 -7.88
N ALA A 70 -9.80 -1.85 -7.36
CA ALA A 70 -8.63 -1.60 -8.17
C ALA A 70 -8.47 -2.68 -9.24
N HIS A 71 -8.68 -3.93 -8.85
CA HIS A 71 -8.68 -5.01 -9.84
C HIS A 71 -9.71 -4.76 -10.95
N SER A 72 -10.92 -4.27 -10.60
CA SER A 72 -11.98 -4.11 -11.60
C SER A 72 -11.65 -3.03 -12.61
N GLN A 73 -10.98 -1.96 -12.17
CA GLN A 73 -10.58 -0.89 -13.08
C GLN A 73 -9.55 -1.39 -14.09
N THR A 74 -8.60 -2.21 -13.64
CA THR A 74 -7.60 -2.76 -14.55
C THR A 74 -8.20 -3.84 -15.46
N ASP A 75 -9.23 -4.56 -14.99
CA ASP A 75 -9.92 -5.46 -15.91
C ASP A 75 -10.71 -4.64 -16.94
N ARG A 76 -11.26 -3.53 -16.49
CA ARG A 76 -11.97 -2.62 -17.40
C ARG A 76 -11.03 -2.16 -18.51
N ALA A 77 -9.82 -1.71 -18.17
CA ALA A 77 -8.87 -1.29 -19.19
C ALA A 77 -8.35 -2.46 -20.00
N ASN A 78 -8.27 -3.65 -19.39
CA ASN A 78 -7.72 -4.80 -20.10
C ASN A 78 -8.69 -5.33 -21.16
N LEU A 79 -9.99 -5.26 -20.89
CA LEU A 79 -10.98 -5.57 -21.92
C LEU A 79 -10.77 -4.70 -23.16
N GLY A 80 -10.54 -3.39 -22.97
CA GLY A 80 -10.34 -2.51 -24.11
C GLY A 80 -9.04 -2.82 -24.85
N THR A 81 -7.97 -3.09 -24.10
CA THR A 81 -6.71 -3.47 -24.72
C THR A 81 -6.88 -4.73 -25.57
N LEU A 82 -7.54 -5.74 -25.03
CA LEU A 82 -7.66 -6.99 -25.78
C LEU A 82 -8.57 -6.83 -27.01
N ARG A 83 -9.58 -5.99 -26.90
CA ARG A 83 -10.38 -5.67 -28.09
C ARG A 83 -9.49 -5.16 -29.22
N GLY A 84 -8.53 -4.29 -28.89
CA GLY A 84 -7.61 -3.78 -29.90
C GLY A 84 -6.64 -4.82 -30.40
N TYR A 85 -6.14 -5.68 -29.51
CA TYR A 85 -5.20 -6.72 -29.94
C TYR A 85 -5.85 -7.67 -30.94
N TYR A 86 -7.14 -7.99 -30.75
CA TYR A 86 -7.82 -8.99 -31.57
C TYR A 86 -8.71 -8.38 -32.64
N ASN A 87 -8.67 -7.05 -32.81
CA ASN A 87 -9.44 -6.35 -33.83
C ASN A 87 -10.93 -6.65 -33.70
N GLN A 88 -11.41 -6.59 -32.48
CA GLN A 88 -12.80 -6.85 -32.18
C GLN A 88 -13.55 -5.51 -32.12
N SER A 89 -14.80 -5.55 -31.67
CA SER A 89 -15.67 -4.39 -31.73
C SER A 89 -16.14 -4.01 -30.33
N GLU A 90 -16.46 -2.72 -30.18
CA GLU A 90 -17.13 -2.23 -28.98
C GLU A 90 -18.54 -2.79 -28.85
N ASP A 91 -19.09 -3.33 -29.93
CA ASP A 91 -20.40 -3.96 -29.92
C ASP A 91 -20.39 -5.40 -29.41
N GLY A 92 -19.21 -5.98 -29.21
CA GLY A 92 -19.11 -7.38 -28.80
C GLY A 92 -18.91 -7.51 -27.31
N SER A 93 -19.60 -8.49 -26.73
CA SER A 93 -19.39 -8.87 -25.35
C SER A 93 -18.17 -9.78 -25.22
N HIS A 94 -17.31 -9.53 -24.24
CA HIS A 94 -16.13 -10.37 -24.05
C HIS A 94 -15.87 -10.64 -22.57
N THR A 95 -15.08 -11.67 -22.31
CA THR A 95 -14.87 -12.18 -20.96
C THR A 95 -13.39 -12.32 -20.64
N ILE A 96 -12.95 -11.73 -19.53
CA ILE A 96 -11.65 -12.01 -18.94
C ILE A 96 -11.85 -12.85 -17.69
N GLN A 97 -11.10 -13.94 -17.58
CA GLN A 97 -11.14 -14.78 -16.38
C GLN A 97 -9.74 -14.90 -15.81
N ILE A 98 -9.64 -14.92 -14.49
CA ILE A 98 -8.38 -14.99 -13.76
C ILE A 98 -8.53 -15.97 -12.60
N MET A 99 -7.59 -16.90 -12.47
CA MET A 99 -7.51 -17.72 -11.28
C MET A 99 -6.13 -17.55 -10.67
N TYR A 100 -6.06 -17.42 -9.34
CA TYR A 100 -4.77 -17.49 -8.67
C TYR A 100 -4.94 -18.01 -7.25
N GLY A 101 -3.85 -18.51 -6.68
CA GLY A 101 -3.87 -19.00 -5.31
C GLY A 101 -2.67 -19.87 -4.98
N CYS A 102 -2.72 -20.48 -3.80
CA CYS A 102 -1.57 -21.25 -3.34
C CYS A 102 -2.01 -22.51 -2.61
N ASP A 103 -1.13 -23.50 -2.63
CA ASP A 103 -1.28 -24.72 -1.87
C ASP A 103 -0.26 -24.76 -0.73
N VAL A 104 -0.70 -25.20 0.44
CA VAL A 104 0.21 -25.49 1.55
C VAL A 104 0.14 -26.97 1.88
N GLY A 105 1.20 -27.45 2.52
CA GLY A 105 1.26 -28.81 3.03
C GLY A 105 0.50 -28.98 4.33
N PRO A 106 0.71 -30.13 5.00
CA PRO A 106 0.06 -30.35 6.30
C PRO A 106 0.72 -29.57 7.44
N ASP A 107 2.00 -29.20 7.28
CA ASP A 107 2.66 -28.29 8.20
C ASP A 107 2.25 -26.85 8.01
N GLY A 108 1.64 -26.52 6.88
CA GLY A 108 1.17 -25.18 6.62
C GLY A 108 2.12 -24.32 5.81
N ARG A 109 3.13 -24.89 5.19
CA ARG A 109 4.13 -24.13 4.46
C ARG A 109 3.89 -24.22 2.96
N PHE A 110 4.41 -23.22 2.25
CA PHE A 110 4.20 -23.09 0.83
C PHE A 110 4.58 -24.36 0.08
N LEU A 111 3.79 -24.71 -0.92
CA LEU A 111 4.16 -25.81 -1.81
C LEU A 111 4.10 -25.40 -3.27
N ARG A 112 3.03 -24.73 -3.70
CA ARG A 112 2.98 -24.27 -5.08
C ARG A 112 2.05 -23.07 -5.19
N GLY A 113 2.26 -22.31 -6.26
CA GLY A 113 1.45 -21.14 -6.53
C GLY A 113 0.98 -21.16 -7.96
N TYR A 114 -0.12 -20.43 -8.19
CA TYR A 114 -0.81 -20.42 -9.48
C TYR A 114 -1.28 -19.02 -9.81
N ARG A 115 -1.17 -18.67 -11.11
CA ARG A 115 -1.76 -17.44 -11.65
C ARG A 115 -2.00 -17.68 -13.13
N GLN A 116 -3.25 -17.57 -13.58
CA GLN A 116 -3.59 -17.91 -14.97
C GLN A 116 -4.73 -17.02 -15.44
N ASP A 117 -4.56 -16.44 -16.63
CA ASP A 117 -5.53 -15.53 -17.23
C ASP A 117 -6.09 -16.15 -18.51
N ALA A 118 -7.37 -15.89 -18.76
CA ALA A 118 -8.07 -16.37 -19.94
C ALA A 118 -8.88 -15.24 -20.56
N TYR A 119 -9.05 -15.31 -21.88
CA TYR A 119 -9.85 -14.35 -22.63
C TYR A 119 -10.85 -15.13 -23.47
N ASP A 120 -12.15 -14.85 -23.27
CA ASP A 120 -13.23 -15.53 -24.00
C ASP A 120 -13.10 -17.05 -23.92
N GLY A 121 -12.82 -17.56 -22.72
CA GLY A 121 -12.85 -18.98 -22.47
C GLY A 121 -11.61 -19.75 -22.88
N LYS A 122 -10.55 -19.07 -23.28
CA LYS A 122 -9.31 -19.76 -23.67
C LYS A 122 -8.12 -19.14 -22.96
N ASP A 123 -7.12 -19.97 -22.71
CA ASP A 123 -5.86 -19.52 -22.14
C ASP A 123 -5.38 -18.27 -22.85
N TYR A 124 -5.04 -17.24 -22.07
CA TYR A 124 -4.33 -16.10 -22.61
C TYR A 124 -2.88 -16.07 -22.12
N ILE A 125 -2.65 -15.98 -20.82
CA ILE A 125 -1.29 -16.00 -20.31
C ILE A 125 -1.28 -16.66 -18.93
N ALA A 126 -0.22 -17.42 -18.63
CA ALA A 126 -0.14 -18.13 -17.36
C ALA A 126 1.25 -18.01 -16.75
N LEU A 127 1.29 -17.88 -15.43
CA LEU A 127 2.53 -17.99 -14.70
C LEU A 127 2.96 -19.46 -14.66
N ASN A 128 4.22 -19.73 -14.98
CA ASN A 128 4.69 -21.11 -14.94
C ASN A 128 4.89 -21.57 -13.49
N GLU A 129 5.19 -22.86 -13.33
CA GLU A 129 5.34 -23.43 -11.98
C GLU A 129 6.50 -22.79 -11.20
N ASP A 130 7.57 -22.36 -11.87
CA ASP A 130 8.67 -21.74 -11.15
C ASP A 130 8.37 -20.30 -10.69
N LEU A 131 7.16 -19.78 -10.99
CA LEU A 131 6.72 -18.46 -10.55
C LEU A 131 7.70 -17.37 -10.95
N ARG A 132 8.42 -17.60 -12.05
CA ARG A 132 9.44 -16.67 -12.53
C ARG A 132 9.36 -16.51 -14.04
N SER A 133 8.36 -17.10 -14.68
CA SER A 133 8.35 -17.33 -16.11
C SER A 133 6.89 -17.39 -16.59
N TRP A 134 6.65 -16.98 -17.84
CA TRP A 134 5.28 -16.89 -18.36
C TRP A 134 5.09 -17.72 -19.64
N THR A 135 3.89 -18.32 -19.78
CA THR A 135 3.48 -18.97 -21.03
C THR A 135 2.37 -18.15 -21.68
N ALA A 136 2.67 -17.60 -22.86
CA ALA A 136 1.70 -16.86 -23.66
C ALA A 136 1.05 -17.80 -24.66
N ALA A 137 -0.29 -17.75 -24.75
CA ALA A 137 -0.99 -18.74 -25.55
C ALA A 137 -1.04 -18.40 -27.04
N ASP A 138 -0.92 -17.14 -27.41
CA ASP A 138 -0.98 -16.74 -28.81
C ASP A 138 -0.21 -15.42 -28.98
N MET A 139 -0.26 -14.88 -30.20
CA MET A 139 0.54 -13.71 -30.53
C MET A 139 0.12 -12.48 -29.73
N ALA A 140 -1.19 -12.34 -29.46
CA ALA A 140 -1.63 -11.23 -28.63
C ALA A 140 -1.04 -11.33 -27.24
N ALA A 141 -1.17 -12.50 -26.62
CA ALA A 141 -0.59 -12.71 -25.29
C ALA A 141 0.91 -12.48 -25.28
N GLN A 142 1.59 -12.64 -26.44
CA GLN A 142 3.03 -12.39 -26.49
C GLN A 142 3.37 -10.93 -26.23
N ILE A 143 2.51 -10.01 -26.65
CA ILE A 143 2.72 -8.61 -26.30
C ILE A 143 2.65 -8.44 -24.80
N THR A 144 1.59 -9.00 -24.19
CA THR A 144 1.46 -8.92 -22.74
C THR A 144 2.66 -9.53 -22.04
N LYS A 145 3.18 -10.66 -22.57
CA LYS A 145 4.31 -11.30 -21.91
C LYS A 145 5.53 -10.38 -21.86
N ARG A 146 5.85 -9.73 -22.98
CA ARG A 146 6.99 -8.80 -23.01
C ARG A 146 6.79 -7.63 -22.06
N LYS A 147 5.57 -7.08 -21.98
CA LYS A 147 5.28 -6.03 -21.01
C LYS A 147 5.58 -6.51 -19.60
N TRP A 148 5.17 -7.73 -19.28
CA TRP A 148 5.23 -8.25 -17.93
C TRP A 148 6.65 -8.65 -17.53
N GLU A 149 7.49 -9.00 -18.51
CA GLU A 149 8.91 -9.21 -18.26
C GLU A 149 9.62 -7.90 -17.93
N ALA A 150 9.19 -6.79 -18.53
CA ALA A 150 9.79 -5.48 -18.26
C ALA A 150 9.36 -4.90 -16.92
N VAL A 151 8.20 -5.28 -16.38
CA VAL A 151 7.71 -4.65 -15.16
C VAL A 151 7.73 -5.61 -13.97
N HIS A 152 8.53 -6.67 -14.04
CA HIS A 152 8.71 -7.60 -12.92
C HIS A 152 7.38 -8.16 -12.43
N ALA A 153 6.52 -8.54 -13.38
CA ALA A 153 5.23 -9.11 -13.00
C ALA A 153 5.40 -10.41 -12.22
N ALA A 154 6.31 -11.30 -12.67
CA ALA A 154 6.43 -12.61 -12.04
C ALA A 154 6.80 -12.48 -10.57
N GLU A 155 7.81 -11.64 -10.28
CA GLU A 155 8.21 -11.43 -8.90
C GLU A 155 7.07 -10.86 -8.06
N GLN A 156 6.33 -9.90 -8.61
CA GLN A 156 5.18 -9.34 -7.89
C GLN A 156 4.16 -10.42 -7.54
N ARG A 157 3.88 -11.34 -8.48
CA ARG A 157 2.95 -12.42 -8.15
C ARG A 157 3.56 -13.37 -7.14
N ARG A 158 4.82 -13.78 -7.35
CA ARG A 158 5.46 -14.75 -6.46
C ARG A 158 5.55 -14.24 -5.03
N VAL A 159 5.74 -12.92 -4.83
CA VAL A 159 5.78 -12.42 -3.47
C VAL A 159 4.45 -12.64 -2.77
N TYR A 160 3.34 -12.51 -3.51
CA TYR A 160 2.05 -12.77 -2.88
C TYR A 160 1.85 -14.27 -2.69
N LEU A 161 2.14 -15.06 -3.74
CA LEU A 161 1.84 -16.50 -3.70
C LEU A 161 2.61 -17.21 -2.60
N GLU A 162 3.90 -16.90 -2.46
CA GLU A 162 4.73 -17.48 -1.41
C GLU A 162 4.57 -16.78 -0.07
N GLY A 163 3.95 -15.59 -0.02
CA GLY A 163 3.84 -14.86 1.23
C GLY A 163 2.44 -14.69 1.80
N ARG A 164 1.81 -13.56 1.48
CA ARG A 164 0.48 -13.24 1.98
C ARG A 164 -0.51 -14.39 1.76
N CYS A 165 -0.50 -14.97 0.56
CA CYS A 165 -1.40 -16.08 0.23
C CYS A 165 -1.30 -17.21 1.26
N VAL A 166 -0.07 -17.71 1.50
CA VAL A 166 0.14 -18.79 2.46
C VAL A 166 -0.27 -18.37 3.86
N ASP A 167 0.03 -17.13 4.24
CA ASP A 167 -0.29 -16.69 5.59
C ASP A 167 -1.79 -16.52 5.79
N GLY A 168 -2.50 -16.04 4.77
CA GLY A 168 -3.95 -16.01 4.88
C GLY A 168 -4.55 -17.40 4.95
N LEU A 169 -4.03 -18.33 4.15
CA LEU A 169 -4.57 -19.69 4.14
C LEU A 169 -4.47 -20.32 5.51
N ARG A 170 -3.32 -20.16 6.18
CA ARG A 170 -3.14 -20.71 7.53
C ARG A 170 -4.12 -20.09 8.51
N ARG A 171 -4.28 -18.77 8.48
CA ARG A 171 -5.25 -18.13 9.36
C ARG A 171 -6.65 -18.71 9.16
N TYR A 172 -7.10 -18.86 7.91
CA TYR A 172 -8.43 -19.38 7.63
C TYR A 172 -8.56 -20.84 8.05
N LEU A 173 -7.54 -21.65 7.76
CA LEU A 173 -7.53 -23.05 8.20
C LEU A 173 -7.65 -23.15 9.72
N GLU A 174 -7.00 -22.25 10.46
CA GLU A 174 -7.14 -22.21 11.91
C GLU A 174 -8.53 -21.74 12.31
N ASN A 175 -8.95 -20.58 11.77
CA ASN A 175 -10.21 -19.98 12.21
C ASN A 175 -11.41 -20.85 11.86
N GLY A 176 -11.33 -21.60 10.76
CA GLY A 176 -12.41 -22.50 10.41
C GLY A 176 -12.02 -23.96 10.54
N LYS A 177 -11.27 -24.29 11.60
CA LYS A 177 -10.67 -25.62 11.73
C LYS A 177 -11.74 -26.72 11.78
N GLU A 178 -12.84 -26.47 12.49
CA GLU A 178 -13.86 -27.51 12.70
C GLU A 178 -14.43 -28.04 11.38
N THR A 179 -14.78 -27.14 10.44
CA THR A 179 -15.27 -27.53 9.11
C THR A 179 -14.21 -27.78 8.04
N LEU A 180 -13.13 -27.01 8.00
CA LEU A 180 -12.21 -27.11 6.87
C LEU A 180 -11.30 -28.34 6.95
N GLN A 181 -11.07 -28.88 8.15
CA GLN A 181 -10.23 -30.04 8.28
C GLN A 181 -11.00 -31.35 8.18
N ARG A 182 -12.33 -31.29 8.00
CA ARG A 182 -13.15 -32.48 7.89
C ARG A 182 -12.83 -33.29 6.64
N THR A 183 -13.15 -34.58 6.71
CA THR A 183 -13.04 -35.48 5.57
C THR A 183 -14.22 -36.43 5.65
N ASP A 184 -15.20 -36.25 4.76
CA ASP A 184 -16.41 -37.06 4.79
C ASP A 184 -16.32 -38.14 3.73
N PRO A 185 -16.26 -39.43 4.10
CA PRO A 185 -16.19 -40.48 3.09
C PRO A 185 -17.51 -40.58 2.33
N PRO A 186 -17.49 -41.07 1.11
CA PRO A 186 -18.75 -41.21 0.36
C PRO A 186 -19.59 -42.39 0.83
N LYS A 187 -20.90 -42.17 0.93
CA LYS A 187 -21.85 -43.27 1.06
C LYS A 187 -22.22 -43.77 -0.32
N THR A 188 -22.10 -45.08 -0.54
CA THR A 188 -22.19 -45.64 -1.88
C THR A 188 -23.34 -46.63 -2.01
N HIS A 189 -23.87 -46.74 -3.22
CA HIS A 189 -24.90 -47.72 -3.53
C HIS A 189 -24.98 -47.86 -5.04
N MET A 190 -25.82 -48.79 -5.48
CA MET A 190 -25.93 -49.13 -6.88
C MET A 190 -27.38 -49.26 -7.26
N THR A 191 -27.75 -48.70 -8.40
CA THR A 191 -29.07 -48.92 -8.99
C THR A 191 -28.90 -49.79 -10.23
N HIS A 192 -30.03 -50.32 -10.70
CA HIS A 192 -30.06 -51.26 -11.82
C HIS A 192 -31.30 -50.95 -12.63
N HIS A 193 -31.12 -50.68 -13.91
CA HIS A 193 -32.19 -50.21 -14.78
C HIS A 193 -32.15 -50.94 -16.11
N PRO A 194 -33.12 -51.82 -16.36
CA PRO A 194 -33.17 -52.53 -17.65
C PRO A 194 -33.37 -51.56 -18.81
N ILE A 195 -32.49 -51.66 -19.81
CA ILE A 195 -32.66 -50.89 -21.04
C ILE A 195 -33.62 -51.58 -21.98
N SER A 196 -33.28 -52.80 -22.39
CA SER A 196 -34.10 -53.68 -23.19
C SER A 196 -34.50 -54.87 -22.33
N ASP A 197 -34.74 -56.02 -22.95
CA ASP A 197 -34.84 -57.26 -22.20
C ASP A 197 -33.57 -58.08 -22.32
N HIS A 198 -32.53 -57.51 -22.95
CA HIS A 198 -31.21 -58.10 -22.97
C HIS A 198 -30.10 -57.14 -22.54
N GLU A 199 -30.44 -55.92 -22.09
CA GLU A 199 -29.46 -54.94 -21.62
C GLU A 199 -29.95 -54.21 -20.38
N ALA A 200 -29.01 -53.80 -19.53
CA ALA A 200 -29.34 -53.06 -18.32
C ALA A 200 -28.24 -52.04 -17.99
N THR A 201 -28.64 -50.97 -17.31
CA THR A 201 -27.72 -49.93 -16.84
C THR A 201 -27.43 -50.14 -15.36
N LEU A 202 -26.17 -50.41 -15.03
CA LEU A 202 -25.72 -50.38 -13.64
C LEU A 202 -25.16 -48.99 -13.34
N ARG A 203 -25.63 -48.38 -12.26
CA ARG A 203 -25.16 -47.07 -11.84
C ARG A 203 -24.55 -47.15 -10.45
N CYS A 204 -23.32 -46.69 -10.33
CA CYS A 204 -22.58 -46.66 -9.07
C CYS A 204 -22.61 -45.23 -8.54
N TRP A 205 -23.11 -45.06 -7.32
CA TRP A 205 -23.40 -43.75 -6.73
C TRP A 205 -22.47 -43.48 -5.54
N ALA A 206 -21.94 -42.26 -5.44
CA ALA A 206 -21.25 -41.81 -4.24
C ALA A 206 -21.86 -40.50 -3.77
N LEU A 207 -22.22 -40.44 -2.49
CA LEU A 207 -22.96 -39.30 -1.96
C LEU A 207 -22.34 -38.80 -0.67
N GLY A 208 -22.54 -37.51 -0.42
CA GLY A 208 -22.17 -36.91 0.86
C GLY A 208 -20.68 -36.86 1.14
N PHE A 209 -19.83 -36.85 0.12
CA PHE A 209 -18.40 -36.84 0.36
C PHE A 209 -17.82 -35.43 0.28
N TYR A 210 -16.71 -35.23 0.99
CA TYR A 210 -15.92 -34.00 1.04
C TYR A 210 -14.48 -34.33 1.42
N PRO A 211 -13.47 -33.79 0.70
CA PRO A 211 -13.60 -32.87 -0.44
C PRO A 211 -14.05 -33.54 -1.75
N ALA A 212 -14.15 -32.72 -2.81
CA ALA A 212 -14.85 -33.09 -4.03
C ALA A 212 -14.12 -34.15 -4.84
N GLU A 213 -12.79 -34.24 -4.73
CA GLU A 213 -12.06 -35.14 -5.60
C GLU A 213 -12.38 -36.59 -5.26
N ILE A 214 -12.64 -37.38 -6.30
CA ILE A 214 -13.07 -38.76 -6.14
C ILE A 214 -12.77 -39.49 -7.43
N THR A 215 -12.57 -40.80 -7.33
CA THR A 215 -12.43 -41.66 -8.48
C THR A 215 -13.50 -42.75 -8.43
N LEU A 216 -14.21 -42.95 -9.55
CA LEU A 216 -15.15 -44.05 -9.73
C LEU A 216 -14.80 -44.78 -11.01
N THR A 217 -14.42 -46.06 -10.91
CA THR A 217 -14.10 -46.86 -12.10
C THR A 217 -14.91 -48.15 -12.10
N TRP A 218 -15.27 -48.59 -13.30
CA TRP A 218 -15.93 -49.87 -13.53
C TRP A 218 -14.93 -50.89 -14.03
N GLN A 219 -14.90 -52.06 -13.40
CA GLN A 219 -14.13 -53.18 -13.89
C GLN A 219 -15.06 -54.29 -14.34
N ARG A 220 -14.64 -55.02 -15.37
CA ARG A 220 -15.36 -56.21 -15.84
C ARG A 220 -14.42 -57.40 -15.76
N ASP A 221 -14.67 -58.29 -14.79
CA ASP A 221 -13.77 -59.42 -14.52
C ASP A 221 -12.34 -58.95 -14.27
N GLY A 222 -12.19 -57.92 -13.43
CA GLY A 222 -10.90 -57.31 -13.18
C GLY A 222 -10.44 -56.32 -14.23
N GLU A 223 -11.02 -56.38 -15.42
CA GLU A 223 -10.63 -55.52 -16.53
C GLU A 223 -11.12 -54.09 -16.31
N ASP A 224 -10.22 -53.12 -16.42
CA ASP A 224 -10.65 -51.73 -16.57
C ASP A 224 -11.61 -51.64 -17.75
N GLN A 225 -12.78 -51.06 -17.51
CA GLN A 225 -13.87 -51.08 -18.48
C GLN A 225 -14.24 -49.65 -18.82
N THR A 226 -13.43 -49.02 -19.66
CA THR A 226 -13.73 -47.68 -20.15
C THR A 226 -14.37 -47.73 -21.53
N GLN A 227 -15.18 -48.77 -21.78
CA GLN A 227 -15.86 -48.97 -23.05
C GLN A 227 -17.14 -48.21 -23.40
N ASP A 228 -18.21 -48.42 -22.65
CA ASP A 228 -19.36 -47.54 -22.55
C ASP A 228 -19.62 -47.24 -21.08
N THR A 229 -18.67 -46.54 -20.47
CA THR A 229 -18.77 -46.13 -19.07
C THR A 229 -19.08 -44.64 -19.04
N GLU A 230 -20.33 -44.30 -18.74
CA GLU A 230 -20.72 -42.90 -18.62
C GLU A 230 -20.43 -42.38 -17.23
N LEU A 231 -19.96 -41.13 -17.16
CA LEU A 231 -19.54 -40.50 -15.92
C LEU A 231 -20.05 -39.07 -15.92
N VAL A 232 -20.70 -38.65 -14.83
CA VAL A 232 -21.19 -37.28 -14.75
C VAL A 232 -20.19 -36.41 -14.01
N GLU A 233 -20.40 -35.10 -14.15
CA GLU A 233 -19.65 -34.01 -13.48
C GLU A 233 -19.93 -34.17 -11.97
N THR A 234 -18.92 -34.20 -11.10
CA THR A 234 -19.14 -34.11 -9.66
C THR A 234 -19.93 -32.85 -9.35
N ARG A 235 -20.94 -32.99 -8.52
CA ARG A 235 -21.92 -31.94 -8.29
C ARG A 235 -22.04 -31.65 -6.81
N PRO A 236 -22.45 -30.44 -6.45
CA PRO A 236 -22.63 -30.12 -5.03
C PRO A 236 -24.01 -30.51 -4.52
N ALA A 237 -24.00 -31.13 -3.33
CA ALA A 237 -25.25 -31.38 -2.64
C ALA A 237 -25.90 -30.08 -2.20
N GLY A 238 -25.11 -29.02 -2.03
CA GLY A 238 -25.58 -27.77 -1.50
C GLY A 238 -25.49 -27.62 0.00
N ASP A 239 -25.04 -28.65 0.73
CA ASP A 239 -24.83 -28.59 2.17
C ASP A 239 -23.36 -28.72 2.54
N GLY A 240 -22.48 -28.51 1.57
CA GLY A 240 -21.06 -28.63 1.78
C GLY A 240 -20.46 -29.95 1.34
N THR A 241 -21.27 -30.91 0.87
CA THR A 241 -20.79 -32.18 0.37
C THR A 241 -21.08 -32.30 -1.12
N PHE A 242 -20.58 -33.38 -1.71
CA PHE A 242 -20.58 -33.56 -3.15
C PHE A 242 -21.16 -34.94 -3.52
N GLN A 243 -21.52 -35.09 -4.80
CA GLN A 243 -22.11 -36.31 -5.32
C GLN A 243 -21.54 -36.62 -6.69
N LYS A 244 -21.43 -37.91 -7.00
CA LYS A 244 -21.03 -38.34 -8.33
C LYS A 244 -21.64 -39.72 -8.62
N TRP A 245 -21.74 -40.03 -9.91
CA TRP A 245 -22.05 -41.40 -10.29
C TRP A 245 -21.36 -41.77 -11.59
N ALA A 246 -21.19 -43.08 -11.76
CA ALA A 246 -20.59 -43.70 -12.94
C ALA A 246 -21.49 -44.85 -13.36
N ALA A 247 -21.79 -44.93 -14.66
CA ALA A 247 -22.69 -45.95 -15.17
C ALA A 247 -22.04 -46.73 -16.30
N VAL A 248 -22.44 -47.99 -16.43
CA VAL A 248 -22.03 -48.83 -17.53
C VAL A 248 -23.25 -49.65 -17.96
N VAL A 249 -23.39 -49.85 -19.26
CA VAL A 249 -24.43 -50.72 -19.80
C VAL A 249 -23.88 -52.13 -19.92
N VAL A 250 -24.61 -53.09 -19.38
CA VAL A 250 -24.12 -54.47 -19.32
C VAL A 250 -25.13 -55.41 -19.96
N PRO A 251 -24.68 -56.56 -20.49
CA PRO A 251 -25.64 -57.52 -21.07
C PRO A 251 -26.45 -58.19 -19.97
N SER A 252 -27.76 -58.29 -20.19
CA SER A 252 -28.67 -58.79 -19.16
C SER A 252 -28.25 -60.20 -18.74
N GLY A 253 -28.14 -60.41 -17.44
CA GLY A 253 -27.63 -61.67 -16.93
C GLY A 253 -26.13 -61.70 -16.68
N GLU A 254 -25.39 -60.69 -17.10
CA GLU A 254 -23.96 -60.61 -16.83
C GLU A 254 -23.64 -59.65 -15.68
N GLU A 255 -24.65 -59.28 -14.89
CA GLU A 255 -24.49 -58.19 -13.93
C GLU A 255 -23.36 -58.45 -12.95
N GLN A 256 -23.18 -59.71 -12.52
CA GLN A 256 -22.22 -60.01 -11.46
C GLN A 256 -20.76 -60.05 -11.95
N ARG A 257 -20.53 -59.95 -13.25
CA ARG A 257 -19.18 -59.84 -13.79
C ARG A 257 -18.60 -58.44 -13.66
N TYR A 258 -19.39 -57.48 -13.19
CA TYR A 258 -18.98 -56.08 -13.11
C TYR A 258 -18.77 -55.65 -11.66
N THR A 259 -17.76 -54.81 -11.44
CA THR A 259 -17.51 -54.24 -10.12
C THR A 259 -17.32 -52.74 -10.27
N CYS A 260 -17.64 -52.00 -9.21
CA CYS A 260 -17.43 -50.56 -9.17
C CYS A 260 -16.45 -50.25 -8.03
N HIS A 261 -15.43 -49.45 -8.32
CA HIS A 261 -14.38 -49.15 -7.34
C HIS A 261 -14.40 -47.67 -7.00
N VAL A 262 -14.40 -47.37 -5.70
CA VAL A 262 -14.53 -46.01 -5.21
C VAL A 262 -13.26 -45.65 -4.46
N GLN A 263 -12.58 -44.59 -4.91
CA GLN A 263 -11.37 -44.08 -4.29
C GLN A 263 -11.66 -42.67 -3.79
N HIS A 264 -11.57 -42.48 -2.48
CA HIS A 264 -11.74 -41.16 -1.89
C HIS A 264 -10.74 -41.02 -0.74
N GLU A 265 -10.32 -39.79 -0.50
CA GLU A 265 -9.39 -39.51 0.59
C GLU A 265 -9.95 -39.93 1.95
N GLY A 266 -11.26 -39.97 2.09
CA GLY A 266 -11.88 -40.42 3.34
C GLY A 266 -12.03 -41.92 3.50
N LEU A 267 -11.53 -42.70 2.56
CA LEU A 267 -11.67 -44.16 2.60
C LEU A 267 -10.34 -44.79 2.99
N PRO A 268 -10.27 -45.51 4.13
CA PRO A 268 -9.05 -46.27 4.47
C PRO A 268 -8.55 -47.10 3.29
N LYS A 269 -9.42 -47.96 2.79
CA LYS A 269 -9.14 -48.77 1.61
C LYS A 269 -10.20 -48.52 0.55
N PRO A 270 -9.85 -48.66 -0.73
CA PRO A 270 -10.85 -48.49 -1.79
C PRO A 270 -12.04 -49.45 -1.60
N LEU A 271 -13.23 -48.95 -1.92
CA LEU A 271 -14.44 -49.74 -1.88
C LEU A 271 -14.67 -50.45 -3.21
N THR A 272 -15.12 -51.70 -3.12
CA THR A 272 -15.55 -52.45 -4.29
C THR A 272 -17.03 -52.77 -4.13
N LEU A 273 -17.80 -52.53 -5.19
CA LEU A 273 -19.24 -52.70 -5.17
C LEU A 273 -19.64 -53.58 -6.33
N ARG A 274 -20.63 -54.42 -6.11
CA ARG A 274 -21.10 -55.36 -7.12
C ARG A 274 -22.61 -55.44 -6.99
N TRP A 275 -23.29 -55.56 -8.13
CA TRP A 275 -24.72 -55.78 -8.11
C TRP A 275 -24.99 -57.24 -7.79
N GLU A 276 -25.53 -57.49 -6.60
CA GLU A 276 -25.84 -58.85 -6.19
C GLU A 276 -27.01 -58.88 -5.18
N MET B 1 -14.82 -17.09 -31.27
CA MET B 1 -15.07 -17.31 -29.85
C MET B 1 -15.54 -18.73 -29.57
N ILE B 2 -15.14 -19.29 -28.43
CA ILE B 2 -15.60 -20.60 -28.04
C ILE B 2 -16.93 -20.47 -27.32
N GLN B 3 -17.89 -21.31 -27.69
CA GLN B 3 -19.18 -21.36 -27.04
C GLN B 3 -19.43 -22.79 -26.57
N ARG B 4 -19.80 -22.91 -25.30
CA ARG B 4 -20.07 -24.22 -24.73
C ARG B 4 -21.50 -24.29 -24.18
N THR B 5 -22.16 -25.43 -24.37
CA THR B 5 -23.53 -25.66 -23.92
C THR B 5 -23.53 -26.11 -22.46
N PRO B 6 -24.45 -25.61 -21.65
CA PRO B 6 -24.53 -26.08 -20.28
C PRO B 6 -24.83 -27.58 -20.25
N LYS B 7 -24.19 -28.27 -19.32
CA LYS B 7 -24.63 -29.59 -18.90
C LYS B 7 -25.52 -29.42 -17.69
N ILE B 8 -26.59 -30.20 -17.60
CA ILE B 8 -27.67 -29.93 -16.65
C ILE B 8 -27.93 -31.19 -15.84
N GLN B 9 -28.03 -31.02 -14.52
CA GLN B 9 -28.36 -32.13 -13.64
C GLN B 9 -29.38 -31.61 -12.65
N VAL B 10 -30.47 -32.35 -12.48
CA VAL B 10 -31.51 -32.04 -11.51
C VAL B 10 -31.58 -33.19 -10.52
N TYR B 11 -31.61 -32.86 -9.24
CA TYR B 11 -31.47 -33.88 -8.21
C TYR B 11 -31.83 -33.24 -6.90
N SER B 12 -32.02 -34.09 -5.88
CA SER B 12 -32.27 -33.63 -4.52
C SER B 12 -30.97 -33.70 -3.72
N ARG B 13 -30.90 -32.87 -2.68
CA ARG B 13 -29.72 -32.83 -1.83
C ARG B 13 -29.53 -34.15 -1.08
N HIS B 14 -30.60 -34.64 -0.45
CA HIS B 14 -30.67 -35.93 0.25
C HIS B 14 -31.52 -36.91 -0.54
N PRO B 15 -31.35 -38.21 -0.33
CA PRO B 15 -32.23 -39.20 -0.97
C PRO B 15 -33.69 -38.88 -0.75
N ALA B 16 -34.47 -38.95 -1.83
CA ALA B 16 -35.85 -38.49 -1.77
C ALA B 16 -36.72 -39.46 -0.98
N GLU B 17 -37.44 -38.93 0.00
CA GLU B 17 -38.41 -39.67 0.79
C GLU B 17 -39.70 -38.85 0.85
N ASN B 18 -40.77 -39.41 0.30
CA ASN B 18 -42.06 -38.73 0.22
C ASN B 18 -42.49 -38.21 1.58
N GLY B 19 -42.80 -36.91 1.63
CA GLY B 19 -43.24 -36.27 2.85
C GLY B 19 -42.15 -35.69 3.72
N LYS B 20 -40.87 -35.90 3.38
CA LYS B 20 -39.76 -35.39 4.17
C LYS B 20 -39.12 -34.18 3.49
N SER B 21 -38.77 -33.17 4.28
CA SER B 21 -38.25 -31.93 3.74
C SER B 21 -36.86 -32.12 3.14
N ASN B 22 -36.64 -31.49 2.00
CA ASN B 22 -35.47 -31.75 1.18
C ASN B 22 -35.11 -30.48 0.44
N PHE B 23 -34.10 -30.56 -0.41
CA PHE B 23 -33.71 -29.45 -1.27
C PHE B 23 -33.64 -29.96 -2.70
N LEU B 24 -34.19 -29.19 -3.63
CA LEU B 24 -34.13 -29.50 -5.05
C LEU B 24 -33.04 -28.65 -5.70
N ASN B 25 -32.15 -29.32 -6.44
CA ASN B 25 -31.00 -28.65 -7.05
C ASN B 25 -31.08 -28.75 -8.56
N CYS B 26 -30.61 -27.70 -9.21
CA CYS B 26 -30.30 -27.74 -10.64
C CYS B 26 -28.87 -27.24 -10.80
N TYR B 27 -27.96 -28.11 -11.21
CA TYR B 27 -26.56 -27.75 -11.38
C TYR B 27 -26.27 -27.64 -12.88
N VAL B 28 -25.86 -26.45 -13.31
CA VAL B 28 -25.53 -26.19 -14.71
C VAL B 28 -24.04 -25.89 -14.77
N SER B 29 -23.33 -26.57 -15.67
CA SER B 29 -21.89 -26.54 -15.66
C SER B 29 -21.40 -26.74 -17.09
N GLY B 30 -20.11 -26.45 -17.29
CA GLY B 30 -19.53 -26.56 -18.61
C GLY B 30 -19.95 -25.52 -19.63
N PHE B 31 -20.53 -24.40 -19.23
CA PHE B 31 -21.03 -23.46 -20.22
C PHE B 31 -20.17 -22.22 -20.33
N HIS B 32 -20.33 -21.53 -21.47
CA HIS B 32 -19.59 -20.31 -21.84
C HIS B 32 -20.27 -19.70 -23.05
N PRO B 33 -20.59 -18.38 -23.05
CA PRO B 33 -20.27 -17.42 -21.97
C PRO B 33 -21.18 -17.55 -20.75
N SER B 34 -21.13 -16.57 -19.84
CA SER B 34 -21.64 -16.75 -18.48
C SER B 34 -23.13 -16.43 -18.31
N ASP B 35 -23.70 -15.57 -19.15
CA ASP B 35 -25.13 -15.30 -19.07
C ASP B 35 -25.92 -16.59 -19.28
N ILE B 36 -26.90 -16.83 -18.40
CA ILE B 36 -27.66 -18.07 -18.43
C ILE B 36 -28.92 -17.82 -17.62
N GLU B 37 -30.01 -18.49 -17.99
CA GLU B 37 -31.27 -18.33 -17.28
C GLU B 37 -31.75 -19.70 -16.81
N VAL B 38 -32.11 -19.81 -15.54
CA VAL B 38 -32.43 -21.08 -14.93
C VAL B 38 -33.65 -20.90 -14.04
N ASP B 39 -34.67 -21.74 -14.27
CA ASP B 39 -35.84 -21.84 -13.42
C ASP B 39 -35.98 -23.27 -12.89
N LEU B 40 -36.52 -23.37 -11.69
CA LEU B 40 -36.99 -24.65 -11.18
C LEU B 40 -38.50 -24.69 -11.35
N LEU B 41 -39.00 -25.82 -11.85
CA LEU B 41 -40.42 -25.96 -12.16
C LEU B 41 -41.07 -26.97 -11.23
N LYS B 42 -42.24 -26.62 -10.72
CA LYS B 42 -43.12 -27.55 -10.01
C LYS B 42 -44.39 -27.72 -10.82
N ASN B 43 -44.63 -28.94 -11.29
CA ASN B 43 -45.76 -29.27 -12.16
C ASN B 43 -45.86 -28.30 -13.34
N GLY B 44 -44.71 -27.97 -13.92
CA GLY B 44 -44.64 -27.07 -15.06
C GLY B 44 -44.73 -25.60 -14.73
N GLU B 45 -44.80 -25.22 -13.45
CA GLU B 45 -44.91 -23.83 -13.03
C GLU B 45 -43.60 -23.38 -12.40
N ARG B 46 -43.17 -22.16 -12.75
CA ARG B 46 -41.93 -21.65 -12.21
C ARG B 46 -42.04 -21.49 -10.71
N ILE B 47 -41.08 -22.06 -9.97
CA ILE B 47 -41.02 -21.83 -8.52
C ILE B 47 -40.38 -20.46 -8.29
N GLU B 48 -40.91 -19.71 -7.32
CA GLU B 48 -40.56 -18.29 -7.23
C GLU B 48 -39.31 -18.03 -6.38
N LYS B 49 -39.32 -18.43 -5.11
CA LYS B 49 -38.19 -18.15 -4.21
C LYS B 49 -37.09 -19.18 -4.46
N VAL B 50 -36.26 -18.91 -5.46
CA VAL B 50 -35.16 -19.80 -5.84
C VAL B 50 -33.85 -19.02 -5.77
N GLU B 51 -32.87 -19.60 -5.10
CA GLU B 51 -31.57 -19.00 -4.89
C GLU B 51 -30.54 -19.69 -5.77
N HIS B 52 -29.36 -19.08 -5.89
CA HIS B 52 -28.29 -19.70 -6.67
C HIS B 52 -26.94 -19.31 -6.11
N SER B 53 -25.93 -20.09 -6.45
CA SER B 53 -24.58 -19.86 -5.99
C SER B 53 -23.91 -18.74 -6.80
N ASP B 54 -22.81 -18.22 -6.27
CA ASP B 54 -22.05 -17.20 -6.98
C ASP B 54 -21.24 -17.83 -8.11
N LEU B 55 -21.16 -17.12 -9.23
CA LEU B 55 -20.49 -17.62 -10.43
C LEU B 55 -19.03 -18.02 -10.17
N SER B 56 -18.66 -19.22 -10.61
CA SER B 56 -17.24 -19.60 -10.66
C SER B 56 -17.03 -20.49 -11.87
N PHE B 57 -15.81 -20.99 -12.04
CA PHE B 57 -15.50 -21.78 -13.23
C PHE B 57 -14.51 -22.88 -12.89
N SER B 58 -14.37 -23.83 -13.82
CA SER B 58 -13.50 -24.98 -13.66
C SER B 58 -12.17 -24.75 -14.37
N LYS B 59 -11.30 -25.76 -14.28
CA LYS B 59 -9.95 -25.69 -14.84
C LYS B 59 -9.95 -25.36 -16.33
N ASP B 60 -10.97 -25.79 -17.08
CA ASP B 60 -11.04 -25.49 -18.49
C ASP B 60 -11.73 -24.15 -18.78
N TRP B 61 -12.00 -23.35 -17.76
CA TRP B 61 -12.57 -21.99 -17.81
C TRP B 61 -14.09 -21.97 -18.00
N SER B 62 -14.76 -23.12 -18.10
CA SER B 62 -16.21 -23.10 -18.25
C SER B 62 -16.88 -22.87 -16.90
N PHE B 63 -18.01 -22.17 -16.93
CA PHE B 63 -18.67 -21.74 -15.70
C PHE B 63 -19.54 -22.84 -15.10
N TYR B 64 -19.92 -22.65 -13.84
CA TYR B 64 -20.87 -23.53 -13.18
C TYR B 64 -21.66 -22.73 -12.17
N LEU B 65 -22.91 -23.17 -11.97
CA LEU B 65 -23.81 -22.54 -11.02
C LEU B 65 -24.72 -23.62 -10.46
N LEU B 66 -25.09 -23.46 -9.19
CA LEU B 66 -26.11 -24.28 -8.56
C LEU B 66 -27.32 -23.42 -8.25
N TYR B 67 -28.49 -23.79 -8.80
CA TYR B 67 -29.77 -23.22 -8.38
C TYR B 67 -30.49 -24.22 -7.48
N TYR B 68 -31.16 -23.71 -6.46
CA TYR B 68 -31.65 -24.62 -5.44
C TYR B 68 -32.82 -23.99 -4.69
N THR B 69 -33.72 -24.85 -4.20
CA THR B 69 -34.88 -24.46 -3.41
C THR B 69 -35.26 -25.58 -2.47
N GLU B 70 -35.83 -25.21 -1.33
CA GLU B 70 -36.40 -26.19 -0.42
C GLU B 70 -37.73 -26.70 -0.96
N PHE B 71 -38.00 -27.99 -0.72
CA PHE B 71 -39.25 -28.60 -1.15
C PHE B 71 -39.42 -29.91 -0.39
N THR B 72 -40.67 -30.36 -0.33
CA THR B 72 -40.98 -31.68 0.23
C THR B 72 -41.65 -32.50 -0.87
N PRO B 73 -40.99 -33.52 -1.41
CA PRO B 73 -41.56 -34.24 -2.55
C PRO B 73 -42.74 -35.13 -2.15
N THR B 74 -43.58 -35.41 -3.15
CA THR B 74 -44.70 -36.32 -3.05
C THR B 74 -44.56 -37.35 -4.17
N GLU B 75 -45.55 -38.25 -4.28
CA GLU B 75 -45.55 -39.16 -5.42
C GLU B 75 -46.16 -38.50 -6.65
N LYS B 76 -46.99 -37.48 -6.46
CA LYS B 76 -47.74 -36.86 -7.55
C LYS B 76 -47.04 -35.66 -8.19
N ASP B 77 -46.10 -35.01 -7.51
CA ASP B 77 -45.57 -33.74 -7.99
C ASP B 77 -44.32 -33.95 -8.84
N GLU B 78 -44.35 -33.44 -10.08
CA GLU B 78 -43.20 -33.49 -10.96
C GLU B 78 -42.36 -32.23 -10.81
N TYR B 79 -41.04 -32.39 -10.87
CA TYR B 79 -40.12 -31.26 -10.74
C TYR B 79 -39.16 -31.26 -11.92
N ALA B 80 -38.69 -30.07 -12.27
CA ALA B 80 -37.84 -29.96 -13.43
C ALA B 80 -37.02 -28.69 -13.34
N CYS B 81 -36.01 -28.63 -14.19
CA CYS B 81 -35.17 -27.45 -14.36
C CYS B 81 -35.26 -26.99 -15.81
N ARG B 82 -35.50 -25.69 -16.00
CA ARG B 82 -35.63 -25.08 -17.32
C ARG B 82 -34.48 -24.09 -17.51
N VAL B 83 -33.64 -24.35 -18.52
CA VAL B 83 -32.42 -23.60 -18.73
C VAL B 83 -32.43 -22.94 -20.11
N ASN B 84 -31.98 -21.68 -20.16
CA ASN B 84 -31.72 -21.04 -21.43
C ASN B 84 -30.33 -20.41 -21.47
N HIS B 85 -29.75 -20.45 -22.68
CA HIS B 85 -28.37 -20.06 -22.90
C HIS B 85 -28.22 -19.75 -24.39
N VAL B 86 -27.19 -18.98 -24.74
CA VAL B 86 -27.03 -18.57 -26.13
C VAL B 86 -26.81 -19.78 -27.04
N THR B 87 -26.27 -20.88 -26.51
CA THR B 87 -26.12 -22.09 -27.30
C THR B 87 -27.43 -22.86 -27.50
N LEU B 88 -28.52 -22.47 -26.85
CA LEU B 88 -29.77 -23.21 -26.92
C LEU B 88 -30.77 -22.47 -27.80
N SER B 89 -31.33 -23.20 -28.78
CA SER B 89 -32.36 -22.64 -29.65
C SER B 89 -33.61 -22.28 -28.88
N GLN B 90 -33.98 -23.12 -27.92
CA GLN B 90 -35.17 -22.95 -27.09
C GLN B 90 -34.80 -23.36 -25.68
N PRO B 91 -35.61 -22.98 -24.68
CA PRO B 91 -35.37 -23.48 -23.32
C PRO B 91 -35.25 -25.00 -23.31
N LYS B 92 -34.37 -25.51 -22.45
CA LYS B 92 -34.19 -26.93 -22.28
C LYS B 92 -34.71 -27.34 -20.91
N ILE B 93 -35.56 -28.35 -20.90
CA ILE B 93 -36.24 -28.83 -19.70
C ILE B 93 -35.71 -30.22 -19.39
N VAL B 94 -35.13 -30.38 -18.21
CA VAL B 94 -34.69 -31.68 -17.72
C VAL B 94 -35.54 -32.02 -16.49
N LYS B 95 -36.24 -33.14 -16.55
CA LYS B 95 -37.14 -33.54 -15.48
C LYS B 95 -36.36 -34.17 -14.33
N TRP B 96 -36.85 -33.96 -13.11
CA TRP B 96 -36.28 -34.64 -11.96
C TRP B 96 -36.66 -36.12 -11.98
N ASP B 97 -35.67 -37.00 -11.97
CA ASP B 97 -35.87 -38.46 -11.97
C ASP B 97 -35.22 -39.02 -10.70
N ARG B 98 -36.04 -39.27 -9.68
CA ARG B 98 -35.48 -39.62 -8.37
C ARG B 98 -34.84 -41.00 -8.33
N ASP B 99 -35.26 -41.93 -9.21
CA ASP B 99 -34.74 -43.29 -9.19
C ASP B 99 -33.55 -43.50 -10.12
N MET B 100 -32.84 -42.44 -10.49
CA MET B 100 -31.78 -42.55 -11.48
C MET B 100 -30.64 -43.50 -11.06
N ILE C 1 -7.35 -13.94 1.46
CA ILE C 1 -6.98 -12.53 1.33
C ILE C 1 -6.46 -12.26 -0.07
N LEU C 2 -6.94 -11.18 -0.66
CA LEU C 2 -6.64 -10.84 -2.04
C LEU C 2 -5.19 -10.44 -2.22
N ASP C 3 -4.67 -10.69 -3.42
CA ASP C 3 -3.45 -10.04 -3.87
C ASP C 3 -3.73 -8.56 -4.16
N THR C 4 -2.67 -7.76 -4.11
CA THR C 4 -2.78 -6.33 -4.36
C THR C 4 -2.78 -6.09 -5.85
N ALA C 5 -3.74 -5.30 -6.34
CA ALA C 5 -3.78 -4.94 -7.75
C ALA C 5 -2.49 -4.24 -8.15
N GLY C 6 -1.89 -4.66 -9.26
CA GLY C 6 -0.65 -4.05 -9.70
C GLY C 6 0.18 -4.92 -10.62
N ARG C 7 0.84 -4.29 -11.59
CA ARG C 7 1.69 -4.99 -12.56
C ARG C 7 0.91 -6.11 -13.25
N GLU C 8 -0.31 -5.78 -13.72
CA GLU C 8 -1.09 -6.78 -14.43
C GLU C 8 -1.86 -6.18 -15.61
N GLU C 9 -1.35 -5.10 -16.19
CA GLU C 9 -1.98 -4.55 -17.38
C GLU C 9 -1.55 -5.34 -18.62
N TYR C 10 -2.52 -5.67 -19.47
CA TYR C 10 -2.21 -6.43 -20.69
C TYR C 10 -1.57 -5.53 -21.75
N ALA D 3 14.55 10.60 -12.13
CA ALA D 3 13.54 9.89 -11.34
C ALA D 3 13.12 10.73 -10.13
N GLN D 4 12.01 11.45 -10.24
CA GLN D 4 11.65 12.40 -9.20
C GLN D 4 10.15 12.65 -9.16
N VAL D 5 9.66 13.03 -7.97
CA VAL D 5 8.30 13.50 -7.75
C VAL D 5 8.33 15.02 -7.66
N THR D 6 7.52 15.70 -8.46
CA THR D 6 7.50 17.16 -8.46
C THR D 6 6.18 17.66 -7.88
N GLN D 7 6.26 18.67 -7.01
CA GLN D 7 5.09 19.36 -6.49
C GLN D 7 5.16 20.83 -6.89
N ASN D 8 4.02 21.40 -7.26
CA ASN D 8 3.98 22.82 -7.62
C ASN D 8 2.69 23.40 -7.06
N PRO D 9 2.76 24.41 -6.19
CA PRO D 9 3.95 25.14 -5.75
C PRO D 9 4.63 24.52 -4.54
N ARG D 10 5.92 24.82 -4.36
CA ARG D 10 6.59 24.41 -3.14
C ARG D 10 6.20 25.29 -1.95
N TYR D 11 5.80 26.54 -2.19
CA TYR D 11 5.36 27.47 -1.15
C TYR D 11 4.15 28.22 -1.65
N LEU D 12 3.16 28.42 -0.78
CA LEU D 12 1.96 29.11 -1.21
C LEU D 12 1.34 29.80 0.00
N ILE D 13 1.11 31.10 -0.14
CA ILE D 13 0.37 31.90 0.83
C ILE D 13 -0.93 32.33 0.17
N THR D 14 -2.05 31.97 0.76
CA THR D 14 -3.32 32.27 0.14
C THR D 14 -4.34 32.67 1.20
N VAL D 15 -5.40 33.31 0.74
CA VAL D 15 -6.42 33.81 1.64
C VAL D 15 -7.53 32.78 1.74
N THR D 16 -8.12 32.71 2.93
CA THR D 16 -9.27 31.87 3.22
C THR D 16 -10.30 31.90 2.10
N GLY D 17 -10.68 30.70 1.64
CA GLY D 17 -11.80 30.54 0.75
C GLY D 17 -11.49 30.66 -0.72
N LYS D 18 -10.26 30.90 -1.11
CA LYS D 18 -9.91 31.04 -2.51
C LYS D 18 -9.42 29.70 -3.05
N LYS D 19 -10.16 29.14 -4.01
CA LYS D 19 -9.87 27.78 -4.47
C LYS D 19 -8.43 27.65 -4.92
N LEU D 20 -7.83 26.50 -4.63
CA LEU D 20 -6.49 26.27 -5.16
C LEU D 20 -6.27 24.80 -5.44
N THR D 21 -5.30 24.52 -6.30
CA THR D 21 -4.86 23.17 -6.61
C THR D 21 -3.35 23.10 -6.48
N VAL D 22 -2.86 22.04 -5.84
CA VAL D 22 -1.43 21.75 -5.76
C VAL D 22 -1.18 20.53 -6.65
N THR D 23 -0.29 20.66 -7.64
CA THR D 23 -0.05 19.56 -8.55
C THR D 23 1.08 18.68 -8.05
N CYS D 24 0.99 17.40 -8.43
CA CYS D 24 1.99 16.41 -8.11
C CYS D 24 2.17 15.58 -9.37
N SER D 25 3.41 15.40 -9.80
CA SER D 25 3.62 14.58 -10.98
C SER D 25 4.91 13.79 -10.82
N GLN D 26 4.98 12.68 -11.56
CA GLN D 26 6.18 11.87 -11.67
C GLN D 26 6.16 11.23 -13.05
N ASN D 27 7.33 11.08 -13.64
CA ASN D 27 7.44 10.50 -14.96
C ASN D 27 8.11 9.13 -14.91
N MET D 28 7.79 8.35 -13.88
CA MET D 28 8.36 7.02 -13.75
C MET D 28 7.32 5.94 -13.95
N ASN D 29 6.16 6.30 -14.48
CA ASN D 29 5.03 5.39 -14.69
C ASN D 29 4.62 4.65 -13.42
N HIS D 30 4.58 5.37 -12.30
CA HIS D 30 4.21 4.77 -11.02
C HIS D 30 2.71 4.60 -10.91
N GLU D 31 2.28 3.41 -10.49
CA GLU D 31 0.85 3.19 -10.30
C GLU D 31 0.34 3.91 -9.06
N TYR D 32 1.14 3.95 -8.00
CA TYR D 32 0.66 4.38 -6.70
C TYR D 32 1.12 5.80 -6.39
N MET D 33 0.20 6.64 -5.94
CA MET D 33 0.52 7.99 -5.54
C MET D 33 -0.35 8.32 -4.34
N SER D 34 0.15 9.15 -3.42
CA SER D 34 -0.58 9.41 -2.19
C SER D 34 -0.22 10.82 -1.67
N TRP D 35 -1.20 11.51 -1.09
CA TRP D 35 -1.01 12.81 -0.48
C TRP D 35 -1.11 12.70 1.04
N TYR D 36 -0.22 13.44 1.73
CA TYR D 36 -0.24 13.55 3.18
C TYR D 36 -0.07 15.00 3.59
N ARG D 37 -0.50 15.30 4.81
CA ARG D 37 -0.17 16.58 5.45
C ARG D 37 0.54 16.31 6.77
N GLN D 38 1.54 17.14 7.08
CA GLN D 38 2.34 17.05 8.30
C GLN D 38 2.25 18.37 9.05
N ASP D 39 1.55 18.38 10.19
CA ASP D 39 1.55 19.56 11.04
C ASP D 39 2.88 19.64 11.80
N PRO D 40 3.25 20.81 12.33
CA PRO D 40 4.58 20.91 12.97
C PRO D 40 4.69 19.95 14.15
N GLY D 41 5.80 19.19 14.19
CA GLY D 41 6.05 18.27 15.27
C GLY D 41 5.33 16.93 15.20
N LEU D 42 4.40 16.75 14.26
CA LEU D 42 3.65 15.50 14.19
C LEU D 42 4.12 14.69 12.98
N GLY D 43 3.40 13.59 12.71
CA GLY D 43 3.70 12.73 11.59
C GLY D 43 2.83 13.05 10.38
N LEU D 44 2.88 12.16 9.39
CA LEU D 44 2.20 12.37 8.12
C LEU D 44 0.79 11.78 8.20
N ARG D 45 -0.21 12.62 7.95
CA ARG D 45 -1.60 12.16 7.93
C ARG D 45 -2.06 12.01 6.47
N GLN D 46 -2.53 10.81 6.13
CA GLN D 46 -2.91 10.52 4.76
C GLN D 46 -4.23 11.19 4.40
N ILE D 47 -4.25 11.90 3.27
CA ILE D 47 -5.42 12.63 2.82
C ILE D 47 -6.24 11.78 1.84
N TYR D 48 -5.64 11.45 0.69
CA TYR D 48 -6.19 10.59 -0.34
C TYR D 48 -5.01 9.86 -0.96
N TYR D 49 -5.28 8.71 -1.58
CA TYR D 49 -4.24 8.02 -2.33
C TYR D 49 -4.88 7.35 -3.52
N SER D 50 -4.07 7.00 -4.50
CA SER D 50 -4.57 6.48 -5.75
C SER D 50 -3.73 5.26 -6.12
N MET D 51 -4.39 4.11 -6.25
CA MET D 51 -3.68 2.87 -6.50
C MET D 51 -3.29 2.69 -7.96
N ASN D 52 -3.92 3.44 -8.86
CA ASN D 52 -3.64 3.36 -10.30
C ASN D 52 -4.54 4.41 -10.96
N VAL D 53 -4.37 4.57 -12.28
CA VAL D 53 -5.26 5.42 -13.08
C VAL D 53 -6.71 5.16 -12.71
N GLU D 54 -7.45 6.23 -12.39
CA GLU D 54 -8.90 6.20 -12.14
C GLU D 54 -9.29 5.42 -10.89
N VAL D 55 -8.39 5.28 -9.94
CA VAL D 55 -8.66 4.65 -8.65
C VAL D 55 -8.24 5.62 -7.56
N THR D 56 -9.18 6.08 -6.75
CA THR D 56 -8.84 6.92 -5.60
C THR D 56 -9.55 6.37 -4.37
N ASP D 57 -8.98 6.67 -3.21
CA ASP D 57 -9.51 6.18 -1.94
C ASP D 57 -9.16 7.20 -0.86
N LYS D 58 -10.10 7.40 0.06
CA LYS D 58 -9.92 8.36 1.13
C LYS D 58 -8.91 7.84 2.16
N GLY D 59 -8.08 8.74 2.66
CA GLY D 59 -7.25 8.48 3.82
C GLY D 59 -7.97 8.86 5.10
N ASP D 60 -7.19 9.16 6.14
CA ASP D 60 -7.77 9.47 7.44
C ASP D 60 -8.36 10.88 7.48
N VAL D 61 -7.84 11.83 6.70
CA VAL D 61 -8.31 13.21 6.79
C VAL D 61 -8.65 13.74 5.40
N PRO D 62 -9.76 13.26 4.78
CA PRO D 62 -10.10 13.70 3.41
C PRO D 62 -10.90 14.99 3.33
N GLU D 63 -11.52 15.42 4.43
CA GLU D 63 -12.47 16.52 4.38
C GLU D 63 -11.78 17.83 3.99
N GLY D 64 -12.43 18.60 3.13
CA GLY D 64 -11.84 19.82 2.59
C GLY D 64 -10.90 19.60 1.42
N TYR D 65 -10.76 18.35 0.96
CA TYR D 65 -9.83 18.00 -0.11
C TYR D 65 -10.55 17.16 -1.17
N LYS D 66 -10.08 17.27 -2.41
CA LYS D 66 -10.44 16.36 -3.49
C LYS D 66 -9.17 16.05 -4.28
N VAL D 67 -9.19 14.91 -4.98
CA VAL D 67 -8.10 14.52 -5.87
C VAL D 67 -8.72 13.99 -7.16
N SER D 68 -7.86 13.78 -8.15
CA SER D 68 -8.26 13.08 -9.36
C SER D 68 -7.05 12.30 -9.86
N ARG D 69 -7.33 11.28 -10.68
CA ARG D 69 -6.26 10.47 -11.27
C ARG D 69 -6.70 10.04 -12.67
N LYS D 70 -6.68 10.99 -13.60
CA LYS D 70 -7.04 10.81 -15.03
C LYS D 70 -5.92 10.12 -15.79
N GLU D 71 -4.68 10.33 -15.44
CA GLU D 71 -3.54 9.68 -16.08
C GLU D 71 -2.49 9.33 -15.03
N LYS D 72 -1.59 8.44 -15.38
CA LYS D 72 -0.63 7.91 -14.39
C LYS D 72 0.27 9.00 -13.83
N ARG D 73 0.51 10.01 -14.62
CA ARG D 73 1.58 10.95 -14.31
C ARG D 73 1.19 11.96 -13.25
N ASN D 74 -0.11 12.31 -13.12
CA ASN D 74 -0.54 13.44 -12.31
C ASN D 74 -1.50 13.01 -11.20
N PHE D 75 -1.39 13.69 -10.05
CA PHE D 75 -2.25 13.43 -8.89
C PHE D 75 -2.47 14.74 -8.15
N PRO D 76 -3.34 15.61 -8.68
CA PRO D 76 -3.51 16.94 -8.07
C PRO D 76 -4.32 16.89 -6.78
N LEU D 77 -3.96 17.81 -5.88
CA LEU D 77 -4.69 18.03 -4.63
C LEU D 77 -5.49 19.32 -4.76
N ILE D 78 -6.80 19.24 -4.55
CA ILE D 78 -7.70 20.36 -4.78
C ILE D 78 -8.29 20.78 -3.45
N LEU D 79 -8.19 22.06 -3.13
CA LEU D 79 -8.80 22.63 -1.93
C LEU D 79 -9.89 23.60 -2.38
N GLU D 80 -11.14 23.14 -2.33
CA GLU D 80 -12.26 23.94 -2.85
C GLU D 80 -12.38 25.28 -2.16
N SER D 81 -12.22 25.30 -0.84
CA SER D 81 -12.37 26.51 -0.04
C SER D 81 -11.37 26.46 1.11
N PRO D 82 -10.12 26.83 0.86
CA PRO D 82 -9.10 26.71 1.91
C PRO D 82 -9.46 27.47 3.17
N SER D 83 -9.20 26.85 4.30
CA SER D 83 -9.45 27.44 5.60
C SER D 83 -8.15 27.41 6.41
N PRO D 84 -8.02 28.26 7.43
CA PRO D 84 -6.75 28.33 8.17
C PRO D 84 -6.24 27.01 8.71
N ASN D 85 -7.12 26.09 9.13
CA ASN D 85 -6.59 24.84 9.67
C ASN D 85 -6.10 23.88 8.58
N GLN D 86 -6.11 24.28 7.31
CA GLN D 86 -5.43 23.54 6.26
C GLN D 86 -3.99 24.04 6.03
N THR D 87 -3.57 25.06 6.77
CA THR D 87 -2.16 25.41 6.87
C THR D 87 -1.35 24.18 7.30
N SER D 88 -0.44 23.74 6.45
CA SER D 88 0.29 22.52 6.78
C SER D 88 1.41 22.36 5.75
N LEU D 89 2.23 21.34 5.95
CA LEU D 89 3.23 20.89 4.98
C LEU D 89 2.72 19.65 4.27
N TYR D 90 2.55 19.74 2.95
CA TYR D 90 1.94 18.66 2.16
C TYR D 90 2.98 17.88 1.39
N PHE D 91 2.92 16.56 1.47
CA PHE D 91 3.82 15.66 0.77
C PHE D 91 3.03 14.78 -0.19
N CYS D 92 3.52 14.69 -1.42
CA CYS D 92 3.07 13.68 -2.38
C CYS D 92 4.11 12.57 -2.41
N ALA D 93 3.66 11.33 -2.38
CA ALA D 93 4.54 10.18 -2.47
C ALA D 93 4.11 9.29 -3.62
N SER D 94 5.06 8.54 -4.19
CA SER D 94 4.72 7.61 -5.25
C SER D 94 5.63 6.41 -5.19
N SER D 95 5.15 5.31 -5.80
CA SER D 95 5.92 4.09 -5.98
C SER D 95 5.34 3.30 -7.16
N LEU D 96 6.20 2.45 -7.74
CA LEU D 96 5.82 1.68 -8.93
C LEU D 96 4.52 0.93 -8.72
N VAL D 97 4.38 0.25 -7.58
CA VAL D 97 3.16 -0.45 -7.22
C VAL D 97 2.79 -0.08 -5.79
N SER D 98 1.53 -0.38 -5.42
CA SER D 98 1.03 -0.01 -4.10
C SER D 98 1.61 -0.86 -2.96
N THR D 99 2.21 -2.02 -3.26
CA THR D 99 2.95 -2.81 -2.27
C THR D 99 4.31 -3.13 -2.89
N PRO D 100 5.28 -2.23 -2.77
CA PRO D 100 6.59 -2.43 -3.42
C PRO D 100 7.27 -3.73 -3.03
N LEU D 101 8.13 -4.16 -3.92
CA LEU D 101 9.04 -5.29 -3.74
C LEU D 101 10.16 -4.90 -2.76
N PRO D 102 10.91 -5.88 -2.26
CA PRO D 102 11.94 -5.70 -1.26
C PRO D 102 12.86 -4.49 -1.40
N LYS D 103 13.47 -4.34 -2.54
CA LYS D 103 14.44 -3.26 -2.78
C LYS D 103 13.79 -2.11 -3.53
N GLU D 104 12.49 -1.93 -3.42
CA GLU D 104 11.82 -0.85 -4.15
C GLU D 104 11.57 0.29 -3.19
N THR D 105 11.66 1.48 -3.72
CA THR D 105 11.64 2.73 -2.98
C THR D 105 10.24 3.35 -3.00
N GLN D 106 9.86 4.00 -1.90
CA GLN D 106 8.83 5.03 -1.96
C GLN D 106 9.49 6.39 -2.17
N TYR D 107 9.05 7.12 -3.19
CA TYR D 107 9.58 8.41 -3.55
C TYR D 107 8.71 9.49 -2.93
N PHE D 108 9.33 10.56 -2.40
CA PHE D 108 8.60 11.71 -1.89
C PHE D 108 8.93 12.98 -2.67
N GLY D 109 7.91 13.82 -2.87
CA GLY D 109 8.13 15.15 -3.36
C GLY D 109 8.70 16.05 -2.27
N PRO D 110 9.17 17.22 -2.67
CA PRO D 110 9.93 18.08 -1.73
C PRO D 110 9.08 18.69 -0.62
N GLY D 111 7.76 18.63 -0.72
CA GLY D 111 6.89 19.31 0.22
C GLY D 111 6.28 20.58 -0.37
N THR D 112 5.06 20.90 0.04
CA THR D 112 4.40 22.16 -0.26
C THR D 112 4.02 22.81 1.06
N ARG D 113 4.62 23.95 1.35
CA ARG D 113 4.30 24.73 2.57
C ARG D 113 3.07 25.58 2.22
N LEU D 114 1.93 25.24 2.75
CA LEU D 114 0.71 25.98 2.46
C LEU D 114 0.32 26.76 3.70
N LEU D 115 0.12 28.06 3.55
CA LEU D 115 -0.34 28.91 4.64
C LEU D 115 -1.62 29.60 4.20
N VAL D 116 -2.71 29.38 4.93
CA VAL D 116 -3.99 30.01 4.65
C VAL D 116 -4.25 31.09 5.70
N LEU D 117 -4.48 32.31 5.23
CA LEU D 117 -4.60 33.48 6.09
C LEU D 117 -5.87 34.29 5.77
N GLU D 118 -6.37 34.97 6.79
CA GLU D 118 -7.50 35.89 6.58
C GLU D 118 -7.14 36.99 5.57
N ASP D 119 -5.92 37.50 5.61
CA ASP D 119 -5.44 38.41 4.58
C ASP D 119 -3.92 38.38 4.60
N LEU D 120 -3.31 39.02 3.60
CA LEU D 120 -1.87 38.96 3.38
C LEU D 120 -1.13 40.15 4.00
N LYS D 121 -1.76 40.86 4.92
CA LYS D 121 -1.22 42.13 5.43
C LYS D 121 0.02 41.94 6.29
N ASN D 122 0.25 40.75 6.87
CA ASN D 122 1.39 40.54 7.73
C ASN D 122 2.60 39.95 7.02
N VAL D 123 2.56 39.76 5.71
CA VAL D 123 3.68 39.15 4.98
C VAL D 123 4.80 40.16 4.83
N PHE D 124 6.01 39.76 5.25
CA PHE D 124 7.20 40.64 5.35
C PHE D 124 8.45 39.94 4.84
N PRO D 125 9.19 40.54 3.91
CA PRO D 125 10.48 39.95 3.49
C PRO D 125 11.52 40.11 4.58
N PRO D 126 12.59 39.32 4.57
CA PRO D 126 13.61 39.47 5.61
C PRO D 126 14.59 40.60 5.31
N GLU D 127 15.24 41.06 6.38
CA GLU D 127 16.47 41.82 6.28
C GLU D 127 17.62 40.88 6.60
N VAL D 128 18.74 41.05 5.92
CA VAL D 128 19.86 40.13 6.03
C VAL D 128 21.12 40.91 6.38
N ALA D 129 21.88 40.41 7.36
CA ALA D 129 23.12 41.07 7.74
C ALA D 129 24.19 40.02 8.00
N VAL D 130 25.42 40.33 7.60
CA VAL D 130 26.56 39.45 7.79
C VAL D 130 27.48 40.09 8.83
N PHE D 131 27.89 39.29 9.80
CA PHE D 131 28.72 39.76 10.89
C PHE D 131 30.10 39.15 10.73
N GLU D 132 31.11 40.00 10.61
CA GLU D 132 32.49 39.60 10.34
C GLU D 132 33.13 38.90 11.53
N PRO D 133 34.16 38.09 11.29
CA PRO D 133 34.81 37.36 12.39
C PRO D 133 35.47 38.32 13.37
N SER D 134 35.46 37.94 14.64
CA SER D 134 36.20 38.71 15.64
C SER D 134 37.68 38.41 15.53
N GLU D 135 38.50 39.45 15.72
CA GLU D 135 39.94 39.25 15.69
C GLU D 135 40.41 38.39 16.86
N ALA D 136 39.64 38.34 17.95
CA ALA D 136 40.02 37.48 19.07
C ALA D 136 39.88 36.00 18.71
N GLU D 137 38.80 35.60 18.03
CA GLU D 137 38.71 34.22 17.56
C GLU D 137 39.84 33.90 16.59
N ILE D 138 40.17 34.84 15.71
CA ILE D 138 41.25 34.62 14.74
C ILE D 138 42.57 34.38 15.44
N SER D 139 42.93 35.21 16.41
CA SER D 139 44.24 34.98 17.03
C SER D 139 44.20 33.86 18.06
N HIS D 140 43.02 33.51 18.57
CA HIS D 140 42.93 32.41 19.53
C HIS D 140 42.86 31.03 18.88
N THR D 141 42.28 30.92 17.67
CA THR D 141 42.06 29.63 17.05
C THR D 141 42.67 29.49 15.66
N GLN D 142 43.13 30.57 15.04
CA GLN D 142 43.49 30.59 13.63
C GLN D 142 42.30 30.19 12.71
N LYS D 143 41.06 30.35 13.18
CA LYS D 143 39.87 30.16 12.36
C LYS D 143 38.99 31.41 12.46
N ALA D 144 38.08 31.57 11.50
CA ALA D 144 37.24 32.77 11.41
C ALA D 144 35.82 32.37 11.06
N THR D 145 34.88 32.70 11.95
CA THR D 145 33.47 32.37 11.82
C THR D 145 32.70 33.63 11.41
N LEU D 146 32.00 33.57 10.28
CA LEU D 146 31.03 34.58 9.89
C LEU D 146 29.65 34.14 10.32
N VAL D 147 28.82 35.11 10.67
CA VAL D 147 27.44 34.85 11.05
C VAL D 147 26.53 35.67 10.18
N CYS D 148 25.50 35.02 9.67
CA CYS D 148 24.46 35.66 8.90
C CYS D 148 23.19 35.65 9.74
N LEU D 149 22.44 36.75 9.68
CA LEU D 149 21.20 36.91 10.42
C LEU D 149 20.13 37.40 9.48
N ALA D 150 19.04 36.64 9.37
CA ALA D 150 17.86 37.07 8.64
C ALA D 150 16.77 37.36 9.67
N THR D 151 16.17 38.54 9.59
CA THR D 151 15.28 38.99 10.64
C THR D 151 14.03 39.62 10.04
N GLY D 152 12.97 39.67 10.85
CA GLY D 152 11.79 40.44 10.55
C GLY D 152 10.92 39.88 9.44
N PHE D 153 11.05 38.60 9.11
CA PHE D 153 10.32 38.05 7.99
C PHE D 153 9.11 37.24 8.46
N TYR D 154 8.11 37.19 7.59
CA TYR D 154 6.92 36.38 7.85
C TYR D 154 6.29 36.09 6.50
N PRO D 155 5.84 34.84 6.25
CA PRO D 155 5.97 33.71 7.16
C PRO D 155 7.38 33.15 7.13
N ASP D 156 7.64 32.01 7.78
CA ASP D 156 8.98 31.46 7.79
C ASP D 156 9.27 30.65 6.53
N HIS D 157 9.03 31.24 5.35
CA HIS D 157 9.24 30.54 4.08
C HIS D 157 10.53 31.05 3.46
N VAL D 158 11.67 30.56 3.96
CA VAL D 158 12.97 31.07 3.55
C VAL D 158 13.93 29.92 3.34
N GLU D 159 14.91 30.15 2.45
CA GLU D 159 16.05 29.26 2.31
C GLU D 159 17.31 30.11 2.36
N LEU D 160 18.25 29.72 3.21
CA LEU D 160 19.49 30.46 3.42
C LEU D 160 20.65 29.65 2.85
N SER D 161 21.50 30.31 2.07
CA SER D 161 22.66 29.66 1.49
C SER D 161 23.86 30.58 1.59
N TRP D 162 25.04 29.98 1.61
CA TRP D 162 26.31 30.71 1.61
C TRP D 162 27.02 30.56 0.27
N TRP D 163 27.58 31.67 -0.22
CA TRP D 163 28.22 31.75 -1.53
C TRP D 163 29.60 32.39 -1.36
N VAL D 164 30.65 31.59 -1.57
CA VAL D 164 32.03 32.04 -1.40
C VAL D 164 32.63 32.10 -2.78
N ASN D 165 33.07 33.30 -3.17
CA ASN D 165 33.68 33.52 -4.48
C ASN D 165 32.77 33.05 -5.62
N GLY D 166 31.45 33.18 -5.46
CA GLY D 166 30.50 32.85 -6.50
C GLY D 166 29.92 31.45 -6.45
N LYS D 167 30.40 30.59 -5.55
CA LYS D 167 29.97 29.20 -5.46
C LYS D 167 29.31 28.91 -4.12
N GLU D 168 28.20 28.18 -4.17
CA GLU D 168 27.57 27.75 -2.92
C GLU D 168 28.54 26.84 -2.19
N VAL D 169 28.60 27.00 -0.88
CA VAL D 169 29.39 26.11 -0.04
C VAL D 169 28.49 25.52 1.03
N HIS D 170 28.82 24.31 1.44
CA HIS D 170 28.22 23.65 2.59
C HIS D 170 29.24 23.23 3.63
N SER D 171 30.49 22.97 3.22
CA SER D 171 31.55 22.71 4.16
C SER D 171 31.73 23.91 5.07
N GLY D 172 31.77 23.67 6.39
CA GLY D 172 31.95 24.76 7.33
C GLY D 172 30.70 25.55 7.66
N VAL D 173 29.53 25.12 7.17
CA VAL D 173 28.28 25.85 7.37
C VAL D 173 27.44 25.12 8.40
N CYS D 174 26.78 25.90 9.27
CA CYS D 174 25.70 25.39 10.10
C CYS D 174 24.59 26.43 10.10
N THR D 175 23.36 26.00 9.81
CA THR D 175 22.19 26.86 9.81
C THR D 175 21.21 26.32 10.85
N ASP D 176 20.57 27.22 11.60
CA ASP D 176 19.54 26.79 12.53
C ASP D 176 18.50 25.93 11.81
N PRO D 177 18.10 24.78 12.36
CA PRO D 177 17.09 23.95 11.66
C PRO D 177 15.75 24.66 11.51
N GLN D 178 15.37 25.51 12.46
CA GLN D 178 14.10 26.23 12.41
C GLN D 178 14.27 27.70 12.78
N PRO D 179 13.67 28.63 12.04
CA PRO D 179 13.63 30.01 12.48
C PRO D 179 13.02 30.10 13.87
N LEU D 180 13.28 31.21 14.56
CA LEU D 180 12.63 31.44 15.83
C LEU D 180 11.79 32.71 15.77
N LYS D 181 10.80 32.76 16.66
CA LYS D 181 9.86 33.89 16.66
C LYS D 181 10.50 35.08 17.35
N GLU D 182 10.35 36.25 16.75
CA GLU D 182 10.84 37.46 17.38
C GLU D 182 9.93 37.92 18.51
N GLN D 183 8.62 37.66 18.40
CA GLN D 183 7.65 37.94 19.46
C GLN D 183 6.85 36.68 19.74
N PRO D 184 7.37 35.77 20.57
CA PRO D 184 6.72 34.46 20.74
C PRO D 184 5.31 34.54 21.35
N ALA D 185 4.89 35.71 21.85
CA ALA D 185 3.55 35.83 22.41
C ALA D 185 2.48 35.96 21.33
N LEU D 186 2.82 36.47 20.15
CA LEU D 186 1.86 36.69 19.08
C LEU D 186 1.85 35.51 18.09
N ASN D 187 0.65 35.17 17.61
CA ASN D 187 0.57 34.13 16.59
C ASN D 187 1.12 34.60 15.25
N ASP D 188 0.98 35.88 14.93
CA ASP D 188 1.50 36.48 13.70
C ASP D 188 2.94 36.98 13.86
N SER D 189 3.68 36.44 14.82
CA SER D 189 5.03 36.91 15.06
C SER D 189 5.90 36.73 13.82
N ARG D 190 6.76 37.72 13.56
CA ARG D 190 7.80 37.55 12.57
C ARG D 190 8.96 36.71 13.14
N TYR D 191 9.88 36.35 12.26
CA TYR D 191 10.86 35.31 12.53
C TYR D 191 12.28 35.84 12.31
N ALA D 192 13.23 35.11 12.88
CA ALA D 192 14.64 35.34 12.65
C ALA D 192 15.33 34.00 12.45
N LEU D 193 16.40 34.01 11.67
CA LEU D 193 17.17 32.82 11.36
C LEU D 193 18.64 33.20 11.34
N SER D 194 19.49 32.34 11.88
CA SER D 194 20.93 32.57 11.84
C SER D 194 21.67 31.39 11.21
N SER D 195 22.88 31.67 10.75
CA SER D 195 23.74 30.68 10.12
C SER D 195 25.18 31.11 10.31
N ARG D 196 26.08 30.13 10.45
CA ARG D 196 27.51 30.37 10.56
C ARG D 196 28.26 29.76 9.39
N LEU D 197 29.30 30.45 8.95
CA LEU D 197 30.29 29.90 8.02
C LEU D 197 31.66 30.04 8.66
N ARG D 198 32.35 28.94 8.86
CA ARG D 198 33.68 29.00 9.44
C ARG D 198 34.71 28.70 8.38
N VAL D 199 35.71 29.57 8.27
CA VAL D 199 36.85 29.37 7.37
C VAL D 199 38.14 29.54 8.16
N SER D 200 39.25 29.20 7.52
CA SER D 200 40.56 29.40 8.11
C SER D 200 40.86 30.90 8.16
N ALA D 201 41.71 31.28 9.12
CA ALA D 201 42.15 32.67 9.22
C ALA D 201 42.83 33.14 7.94
N THR D 202 43.68 32.31 7.34
CA THR D 202 44.36 32.73 6.11
C THR D 202 43.37 32.96 4.97
N PHE D 203 42.31 32.16 4.90
CA PHE D 203 41.27 32.41 3.90
C PHE D 203 40.53 33.71 4.21
N TRP D 204 40.19 33.95 5.48
CA TRP D 204 39.51 35.21 5.78
C TRP D 204 40.43 36.41 5.53
N GLN D 205 41.74 36.21 5.62
CA GLN D 205 42.67 37.32 5.52
C GLN D 205 43.05 37.67 4.08
N ASN D 206 42.55 36.93 3.10
CA ASN D 206 42.80 37.24 1.71
C ASN D 206 41.72 38.21 1.22
N PRO D 207 42.07 39.44 0.83
CA PRO D 207 41.02 40.41 0.46
C PRO D 207 40.34 40.11 -0.88
N ARG D 208 40.82 39.17 -1.65
CA ARG D 208 40.14 38.82 -2.91
C ARG D 208 39.03 37.80 -2.65
N ASN D 209 38.95 37.28 -1.46
CA ASN D 209 37.88 36.34 -1.18
C ASN D 209 36.60 37.10 -0.84
N HIS D 210 35.50 36.65 -1.40
CA HIS D 210 34.21 37.33 -1.30
C HIS D 210 33.19 36.39 -0.66
N PHE D 211 32.41 36.91 0.28
CA PHE D 211 31.49 36.08 1.06
C PHE D 211 30.09 36.65 0.93
N ARG D 212 29.12 35.83 0.56
CA ARG D 212 27.75 36.30 0.43
C ARG D 212 26.83 35.36 1.20
N CYS D 213 26.04 35.93 2.11
CA CYS D 213 24.90 35.22 2.69
C CYS D 213 23.64 35.60 1.91
N GLN D 214 22.91 34.60 1.45
CA GLN D 214 21.75 34.82 0.58
C GLN D 214 20.52 34.16 1.21
N VAL D 215 19.43 34.92 1.29
CA VAL D 215 18.16 34.37 1.77
C VAL D 215 17.13 34.49 0.65
N GLN D 216 16.65 33.35 0.18
CA GLN D 216 15.53 33.30 -0.75
C GLN D 216 14.23 33.34 0.07
N PHE D 217 13.41 34.37 -0.15
CA PHE D 217 12.13 34.51 0.53
C PHE D 217 11.02 34.15 -0.45
N TYR D 218 10.11 33.28 -0.04
CA TYR D 218 8.95 32.93 -0.86
C TYR D 218 7.75 33.69 -0.33
N GLY D 219 7.26 34.65 -1.11
CA GLY D 219 6.21 35.54 -0.65
C GLY D 219 5.09 35.64 -1.66
N LEU D 220 4.57 36.85 -1.81
CA LEU D 220 3.44 37.07 -2.70
C LEU D 220 3.89 36.93 -4.16
N SER D 221 2.93 36.60 -5.02
CA SER D 221 3.18 36.66 -6.44
C SER D 221 2.81 38.03 -6.99
N GLU D 222 3.14 38.27 -8.26
CA GLU D 222 2.74 39.51 -8.89
C GLU D 222 1.23 39.72 -8.84
N ASN D 223 0.46 38.67 -9.15
CA ASN D 223 -0.99 38.83 -9.25
C ASN D 223 -1.70 38.83 -7.90
N ASP D 224 -0.99 38.82 -6.78
CA ASP D 224 -1.63 38.99 -5.48
C ASP D 224 -2.00 40.46 -5.28
N GLU D 225 -3.17 40.70 -4.69
CA GLU D 225 -3.60 42.06 -4.45
C GLU D 225 -2.81 42.66 -3.30
N TRP D 226 -2.45 43.94 -3.44
CA TRP D 226 -1.70 44.67 -2.42
C TRP D 226 -2.20 46.11 -2.42
N THR D 227 -2.69 46.57 -1.27
CA THR D 227 -3.20 47.93 -1.12
C THR D 227 -2.44 48.74 -0.07
N GLN D 228 -1.31 48.25 0.42
CA GLN D 228 -0.64 48.91 1.53
C GLN D 228 0.48 49.82 1.05
N ASP D 229 0.92 50.68 1.97
CA ASP D 229 1.91 51.71 1.64
C ASP D 229 3.27 51.09 1.35
N ARG D 230 3.73 50.19 2.21
CA ARG D 230 5.04 49.60 1.98
C ARG D 230 5.03 48.73 0.72
N ALA D 231 6.24 48.39 0.27
CA ALA D 231 6.41 47.64 -0.96
C ALA D 231 5.78 46.26 -0.85
N LYS D 232 5.20 45.80 -1.95
CA LYS D 232 4.56 44.50 -1.96
C LYS D 232 5.59 43.41 -1.66
N PRO D 233 5.35 42.54 -0.65
CA PRO D 233 6.35 41.54 -0.20
C PRO D 233 6.36 40.30 -1.08
N VAL D 234 6.82 40.48 -2.32
CA VAL D 234 6.85 39.40 -3.29
C VAL D 234 8.01 38.47 -2.94
N THR D 235 7.98 37.29 -3.54
CA THR D 235 9.14 36.41 -3.58
C THR D 235 10.36 37.17 -4.10
N GLN D 236 11.47 37.01 -3.39
CA GLN D 236 12.66 37.80 -3.67
C GLN D 236 13.84 37.22 -2.92
N ILE D 237 15.02 37.67 -3.32
CA ILE D 237 16.27 37.31 -2.68
C ILE D 237 16.80 38.55 -1.97
N VAL D 238 17.24 38.37 -0.72
CA VAL D 238 17.88 39.39 0.07
C VAL D 238 19.23 38.84 0.49
N SER D 239 20.27 39.64 0.29
CA SER D 239 21.64 39.21 0.52
C SER D 239 22.40 40.27 1.31
N ALA D 240 23.45 39.79 1.98
CA ALA D 240 24.46 40.65 2.58
C ALA D 240 25.79 39.99 2.30
N GLU D 241 26.84 40.80 2.18
CA GLU D 241 28.14 40.27 1.82
C GLU D 241 29.23 40.89 2.68
N ALA D 242 30.41 40.28 2.57
CA ALA D 242 31.63 40.79 3.15
C ALA D 242 32.79 40.36 2.27
N TRP D 243 33.86 41.15 2.30
CA TRP D 243 35.13 40.78 1.72
C TRP D 243 36.12 40.42 2.82
N GLY D 244 37.04 39.52 2.52
CA GLY D 244 38.14 39.28 3.43
C GLY D 244 38.98 40.53 3.65
N ARG D 245 39.79 40.52 4.71
CA ARG D 245 40.60 41.68 5.01
C ARG D 245 41.96 41.26 5.52
N ALA D 246 43.01 41.83 4.94
CA ALA D 246 44.37 41.58 5.41
C ALA D 246 44.52 41.91 6.90
N ASP D 247 45.35 41.14 7.58
CA ASP D 247 45.56 41.33 9.02
C ASP D 247 46.03 42.76 9.26
N ALA E 2 -7.79 -0.28 18.18
CA ALA E 2 -7.52 1.01 17.56
C ALA E 2 -6.46 0.88 16.48
N GLN E 3 -6.22 1.97 15.77
CA GLN E 3 -5.23 2.05 14.70
C GLN E 3 -4.26 3.17 15.08
N LYS E 4 -3.12 2.80 15.67
CA LYS E 4 -2.25 3.81 16.26
C LYS E 4 -0.81 3.31 16.22
N VAL E 5 0.11 4.22 15.87
CA VAL E 5 1.55 3.97 15.88
C VAL E 5 2.17 4.92 16.88
N THR E 6 2.90 4.38 17.85
CA THR E 6 3.44 5.18 18.96
C THR E 6 4.95 5.08 18.96
N GLN E 7 5.61 6.23 18.86
CA GLN E 7 7.04 6.35 19.11
C GLN E 7 7.17 7.09 20.43
N ALA E 8 7.53 6.36 21.50
CA ALA E 8 7.41 6.91 22.85
C ALA E 8 8.51 7.91 23.16
N GLN E 9 9.73 7.71 22.64
CA GLN E 9 10.82 8.68 22.82
C GLN E 9 10.64 9.82 21.84
N SER E 10 10.55 11.06 22.34
CA SER E 10 10.43 12.17 21.41
C SER E 10 11.80 12.59 20.87
N SER E 11 12.85 12.45 21.67
CA SER E 11 14.19 12.78 21.23
C SER E 11 15.17 11.80 21.85
N VAL E 12 16.19 11.45 21.08
CA VAL E 12 17.28 10.61 21.52
C VAL E 12 18.58 11.25 21.05
N SER E 13 19.61 11.16 21.89
CA SER E 13 20.91 11.66 21.48
C SER E 13 21.94 10.58 21.75
N MET E 14 22.87 10.40 20.81
CA MET E 14 23.81 9.30 20.80
C MET E 14 25.10 9.80 20.14
N PRO E 15 26.27 9.32 20.58
CA PRO E 15 27.53 9.83 20.03
C PRO E 15 27.82 9.21 18.68
N VAL E 16 28.58 9.96 17.87
CA VAL E 16 29.01 9.46 16.55
C VAL E 16 29.68 8.11 16.75
N ARG E 17 29.64 7.26 15.71
CA ARG E 17 30.25 5.94 15.64
C ARG E 17 29.56 4.89 16.51
N LYS E 18 28.57 5.25 17.31
CA LYS E 18 27.87 4.27 18.12
C LYS E 18 26.61 3.79 17.38
N ALA E 19 25.77 3.05 18.09
CA ALA E 19 24.53 2.51 17.55
C ALA E 19 23.35 3.06 18.33
N VAL E 20 22.23 3.25 17.64
CA VAL E 20 21.02 3.72 18.29
C VAL E 20 19.86 2.81 17.90
N THR E 21 18.91 2.66 18.81
CA THR E 21 17.68 1.90 18.55
C THR E 21 16.50 2.82 18.81
N LEU E 22 15.66 3.00 17.79
CA LEU E 22 14.48 3.86 17.90
C LEU E 22 13.26 2.95 17.95
N ASN E 23 12.50 3.06 19.04
CA ASN E 23 11.42 2.11 19.29
C ASN E 23 10.15 2.53 18.55
N CYS E 24 9.31 1.53 18.31
CA CYS E 24 8.04 1.73 17.65
C CYS E 24 7.09 0.64 18.11
N LEU E 25 5.99 1.04 18.74
CA LEU E 25 4.91 0.14 19.11
C LEU E 25 3.67 0.54 18.31
N TYR E 26 2.84 -0.45 17.96
CA TYR E 26 1.64 -0.15 17.18
C TYR E 26 0.49 -1.01 17.67
N GLU E 27 -0.71 -0.46 17.54
CA GLU E 27 -1.94 -1.19 17.73
C GLU E 27 -2.72 -1.23 16.43
N THR E 28 -3.19 -2.41 16.06
CA THR E 28 -3.93 -2.51 14.82
C THR E 28 -4.77 -3.79 14.81
N SER E 29 -5.91 -3.73 14.12
CA SER E 29 -6.63 -4.94 13.79
C SER E 29 -6.17 -5.56 12.47
N TRP E 30 -5.25 -4.91 11.75
CA TRP E 30 -4.74 -5.48 10.50
C TRP E 30 -3.83 -6.66 10.83
N TRP E 31 -4.03 -7.79 10.14
CA TRP E 31 -3.23 -8.99 10.38
C TRP E 31 -2.31 -9.32 9.22
N SER E 32 -2.39 -8.54 8.17
CA SER E 32 -1.47 -8.64 7.03
C SER E 32 -1.04 -7.21 6.75
N TYR E 33 0.23 -6.87 6.86
CA TYR E 33 0.66 -5.46 6.77
C TYR E 33 2.15 -5.29 6.59
N TYR E 34 2.54 -4.02 6.56
CA TYR E 34 3.94 -3.58 6.40
C TYR E 34 4.24 -2.47 7.39
N ILE E 35 5.47 -2.40 7.81
CA ILE E 35 5.97 -1.30 8.67
C ILE E 35 7.01 -0.58 7.85
N PHE E 36 6.93 0.73 7.82
CA PHE E 36 7.90 1.52 7.08
C PHE E 36 8.71 2.39 8.05
N TRP E 37 9.97 2.64 7.71
CA TRP E 37 10.78 3.60 8.44
C TRP E 37 11.20 4.71 7.50
N TYR E 38 11.03 5.95 7.95
CA TYR E 38 11.38 7.13 7.16
C TYR E 38 12.34 8.01 7.93
N LYS E 39 13.11 8.78 7.18
CA LYS E 39 14.06 9.75 7.70
C LYS E 39 13.66 11.11 7.16
N GLN E 40 13.42 12.08 8.05
CA GLN E 40 13.14 13.45 7.63
C GLN E 40 14.30 14.36 8.02
N LEU E 41 14.94 14.93 7.00
CA LEU E 41 16.06 15.83 7.18
C LEU E 41 15.60 17.17 7.77
N PRO E 42 16.53 17.93 8.37
CA PRO E 42 16.21 19.31 8.79
C PRO E 42 15.59 20.15 7.68
N SER E 43 15.97 19.94 6.42
CA SER E 43 15.32 20.59 5.28
C SER E 43 13.85 20.18 5.11
N LYS E 44 13.33 19.27 5.95
CA LYS E 44 12.04 18.59 5.89
C LYS E 44 11.92 17.61 4.71
N GLU E 45 12.95 17.43 3.89
CA GLU E 45 12.93 16.36 2.91
C GLU E 45 12.66 15.03 3.59
N MET E 46 11.78 14.23 2.97
CA MET E 46 11.36 12.94 3.50
C MET E 46 12.01 11.83 2.68
N ILE E 47 12.54 10.82 3.36
CA ILE E 47 13.38 9.81 2.71
C ILE E 47 12.98 8.45 3.26
N PHE E 48 12.57 7.55 2.37
CA PHE E 48 12.23 6.19 2.77
C PHE E 48 13.51 5.41 3.07
N LEU E 49 13.47 4.63 4.16
CA LEU E 49 14.64 3.90 4.62
C LEU E 49 14.50 2.40 4.42
N ILE E 50 13.46 1.77 4.96
CA ILE E 50 13.38 0.31 4.99
C ILE E 50 11.95 -0.10 5.31
N ARG E 51 11.59 -1.30 4.84
CA ARG E 51 10.24 -1.81 4.96
C ARG E 51 10.29 -3.21 5.57
N GLN E 52 9.36 -3.48 6.47
CA GLN E 52 9.33 -4.75 7.19
C GLN E 52 7.98 -5.40 6.98
N GLY E 53 7.97 -6.56 6.33
CA GLY E 53 6.71 -7.25 6.06
C GLY E 53 6.25 -8.06 7.26
N SER E 54 4.93 -8.11 7.45
CA SER E 54 4.37 -8.81 8.59
C SER E 54 4.65 -10.32 8.58
N ASP E 55 4.99 -10.92 7.43
CA ASP E 55 5.28 -12.35 7.32
C ASP E 55 6.73 -12.63 6.95
N GLU E 56 7.61 -11.64 7.10
CA GLU E 56 8.96 -11.76 6.62
C GLU E 56 9.94 -11.86 7.79
N GLN E 57 11.17 -12.28 7.47
CA GLN E 57 12.22 -12.25 8.46
C GLN E 57 12.60 -10.80 8.73
N ASN E 58 13.41 -10.59 9.76
CA ASN E 58 13.80 -9.25 10.15
C ASN E 58 14.48 -8.56 8.98
N ALA E 59 13.93 -7.41 8.59
CA ALA E 59 14.47 -6.65 7.47
C ALA E 59 15.83 -6.06 7.81
N LYS E 60 16.69 -5.98 6.81
CA LYS E 60 18.03 -5.46 7.00
C LYS E 60 18.48 -4.81 5.71
N SER E 61 19.09 -3.63 5.82
CA SER E 61 19.57 -2.92 4.64
C SER E 61 20.63 -1.91 5.09
N GLY E 62 21.87 -2.14 4.65
CA GLY E 62 22.96 -1.25 5.04
C GLY E 62 23.11 -1.20 6.55
N ARG E 63 23.22 0.01 7.09
CA ARG E 63 23.34 0.18 8.53
C ARG E 63 21.99 0.14 9.24
N TYR E 64 20.90 -0.05 8.51
CA TYR E 64 19.58 -0.16 9.09
C TYR E 64 19.19 -1.62 9.27
N SER E 65 18.52 -1.90 10.38
CA SER E 65 17.90 -3.21 10.58
C SER E 65 16.68 -3.03 11.47
N VAL E 66 15.75 -3.95 11.33
CA VAL E 66 14.51 -3.94 12.10
C VAL E 66 14.47 -5.20 12.97
N ASN E 67 14.10 -5.03 14.23
CA ASN E 67 13.89 -6.16 15.14
C ASN E 67 12.37 -6.30 15.26
N PHE E 68 11.80 -7.16 14.42
CA PHE E 68 10.35 -7.28 14.31
C PHE E 68 9.87 -8.33 15.31
N LYS E 69 9.09 -7.91 16.29
CA LYS E 69 8.51 -8.81 17.28
C LYS E 69 6.99 -8.77 17.10
N LYS E 70 6.47 -9.73 16.33
CA LYS E 70 5.11 -9.63 15.86
C LYS E 70 4.11 -9.71 17.00
N ALA E 71 4.30 -10.66 17.92
CA ALA E 71 3.35 -10.81 19.00
C ALA E 71 3.32 -9.57 19.89
N ALA E 72 4.48 -8.92 20.07
CA ALA E 72 4.55 -7.71 20.86
C ALA E 72 4.06 -6.48 20.10
N LYS E 73 3.95 -6.57 18.77
CA LYS E 73 3.67 -5.40 17.92
C LYS E 73 4.70 -4.29 18.21
N SER E 74 5.96 -4.67 18.06
CA SER E 74 7.12 -3.76 18.22
C SER E 74 8.06 -3.99 17.03
N VAL E 75 8.45 -2.93 16.33
CA VAL E 75 9.38 -3.06 15.17
C VAL E 75 10.46 -1.98 15.30
N ALA E 76 11.33 -2.10 16.30
CA ALA E 76 12.35 -1.09 16.50
C ALA E 76 13.32 -1.05 15.32
N LEU E 77 13.76 0.15 14.97
CA LEU E 77 14.78 0.37 13.96
C LEU E 77 16.12 0.59 14.65
N THR E 78 17.16 -0.06 14.14
CA THR E 78 18.52 0.09 14.66
C THR E 78 19.41 0.66 13.57
N ILE E 79 20.08 1.77 13.88
CA ILE E 79 21.07 2.36 12.99
C ILE E 79 22.45 2.11 13.59
N SER E 80 23.33 1.52 12.79
CA SER E 80 24.69 1.15 13.17
C SER E 80 25.67 2.24 12.76
N ALA E 81 26.76 2.35 13.52
CA ALA E 81 27.91 3.20 13.16
C ALA E 81 27.46 4.60 12.75
N LEU E 82 26.85 5.28 13.72
CA LEU E 82 26.23 6.57 13.47
C LEU E 82 27.21 7.56 12.86
N GLN E 83 26.72 8.27 11.84
CA GLN E 83 27.39 9.43 11.26
C GLN E 83 26.60 10.67 11.59
N LEU E 84 27.25 11.83 11.50
CA LEU E 84 26.58 13.10 11.76
C LEU E 84 25.36 13.30 10.86
N GLU E 85 25.42 12.81 9.61
CA GLU E 85 24.31 12.94 8.68
C GLU E 85 23.12 12.09 9.07
N ASP E 86 23.23 11.23 10.08
CA ASP E 86 22.07 10.50 10.56
C ASP E 86 21.17 11.34 11.45
N SER E 87 21.59 12.54 11.87
CA SER E 87 20.72 13.41 12.65
C SER E 87 19.50 13.80 11.81
N ALA E 88 18.33 13.40 12.26
CA ALA E 88 17.07 13.64 11.56
C ALA E 88 15.94 13.30 12.53
N LYS E 89 14.71 13.42 12.05
CA LYS E 89 13.56 12.90 12.76
C LYS E 89 13.11 11.64 12.02
N TYR E 90 13.04 10.53 12.74
CA TYR E 90 12.72 9.24 12.15
C TYR E 90 11.27 8.89 12.43
N PHE E 91 10.56 8.46 11.41
CA PHE E 91 9.15 8.16 11.51
C PHE E 91 8.91 6.68 11.26
N CYS E 92 8.03 6.10 12.08
CA CYS E 92 7.58 4.73 11.95
C CYS E 92 6.15 4.73 11.40
N ALA E 93 5.85 3.83 10.46
CA ALA E 93 4.53 3.83 9.86
C ALA E 93 4.04 2.42 9.55
N LEU E 94 2.73 2.29 9.51
CA LEU E 94 2.02 1.05 9.27
C LEU E 94 1.26 1.17 7.95
N GLY E 95 1.30 0.14 7.12
CA GLY E 95 0.58 0.13 5.86
C GLY E 95 -0.10 -1.20 5.61
N ASP E 96 -1.28 -1.15 4.98
CA ASP E 96 -2.07 -2.35 4.72
C ASP E 96 -1.80 -2.87 3.29
N THR E 97 -2.66 -3.74 2.78
CA THR E 97 -2.41 -4.36 1.48
C THR E 97 -3.07 -3.61 0.33
N ALA E 98 -3.54 -2.39 0.58
CA ALA E 98 -4.31 -1.65 -0.42
C ALA E 98 -4.10 -0.15 -0.25
N GLY E 99 -2.85 0.26 -0.04
CA GLY E 99 -2.45 1.65 -0.14
C GLY E 99 -2.64 2.52 1.08
N LYS E 100 -3.31 2.03 2.12
CA LYS E 100 -3.57 2.86 3.28
C LYS E 100 -2.36 2.84 4.21
N SER E 101 -2.14 3.95 4.92
CA SER E 101 -1.03 4.03 5.86
C SER E 101 -1.37 4.89 7.08
N THR E 102 -0.71 4.59 8.20
CA THR E 102 -0.85 5.27 9.48
C THR E 102 0.56 5.59 9.99
N PHE E 103 0.85 6.87 10.24
CA PHE E 103 2.17 7.30 10.73
C PHE E 103 2.19 7.47 12.24
N GLY E 104 3.33 7.13 12.84
CA GLY E 104 3.66 7.62 14.16
C GLY E 104 4.11 9.06 14.10
N ASP E 105 4.32 9.66 15.27
CA ASP E 105 4.64 11.08 15.34
C ASP E 105 6.13 11.36 15.43
N GLY E 106 6.98 10.35 15.37
CA GLY E 106 8.39 10.60 15.07
C GLY E 106 9.29 10.63 16.30
N THR E 107 10.58 10.35 16.08
CA THR E 107 11.62 10.48 17.09
C THR E 107 12.77 11.31 16.51
N THR E 108 13.17 12.35 17.24
CA THR E 108 14.27 13.21 16.81
C THR E 108 15.59 12.63 17.31
N LEU E 109 16.50 12.37 16.39
CA LEU E 109 17.79 11.78 16.69
C LEU E 109 18.88 12.84 16.50
N THR E 110 19.65 13.10 17.55
CA THR E 110 20.80 14.00 17.46
C THR E 110 22.07 13.17 17.62
N VAL E 111 22.92 13.22 16.61
CA VAL E 111 24.20 12.52 16.62
C VAL E 111 25.25 13.53 17.04
N LYS E 112 25.86 13.30 18.18
CA LYS E 112 26.75 14.29 18.78
C LYS E 112 28.19 14.02 18.35
N PRO E 113 28.89 15.03 17.87
CA PRO E 113 30.24 14.83 17.36
C PRO E 113 31.23 14.66 18.50
N ASN E 114 32.37 14.06 18.15
CA ASN E 114 33.44 13.79 19.11
C ASN E 114 34.42 14.96 19.11
N ILE E 115 34.19 15.93 19.99
CA ILE E 115 35.01 17.15 20.04
C ILE E 115 36.24 16.83 20.88
N GLN E 116 37.38 16.59 20.23
CA GLN E 116 38.50 16.07 21.00
C GLN E 116 39.52 17.15 21.41
N ASN E 117 39.40 18.37 20.90
CA ASN E 117 40.22 19.49 21.39
C ASN E 117 39.34 20.67 21.73
N PRO E 118 38.51 20.56 22.78
CA PRO E 118 37.58 21.65 23.09
C PRO E 118 38.31 22.93 23.49
N ASP E 119 37.67 24.05 23.22
CA ASP E 119 38.24 25.36 23.47
C ASP E 119 37.12 26.35 23.66
N PRO E 120 36.23 26.13 24.64
CA PRO E 120 35.04 26.97 24.76
C PRO E 120 35.38 28.46 24.82
N ALA E 121 34.61 29.27 24.08
CA ALA E 121 34.87 30.69 24.06
C ALA E 121 33.62 31.43 23.60
N VAL E 122 33.55 32.70 24.00
CA VAL E 122 32.48 33.61 23.60
C VAL E 122 33.10 34.80 22.89
N TYR E 123 32.64 35.06 21.66
CA TYR E 123 33.22 36.08 20.80
C TYR E 123 32.15 37.08 20.39
N GLN E 124 32.57 38.33 20.22
CA GLN E 124 31.71 39.37 19.67
C GLN E 124 32.05 39.59 18.21
N LEU E 125 31.03 39.65 17.36
CA LEU E 125 31.18 39.86 15.91
C LEU E 125 30.39 41.09 15.52
N ARG E 126 31.01 42.00 14.79
CA ARG E 126 30.34 43.24 14.46
C ARG E 126 29.84 43.22 13.00
N ASP E 127 28.83 44.06 12.73
CA ASP E 127 28.17 44.04 11.43
C ASP E 127 29.16 44.38 10.32
N SER E 128 29.01 43.77 9.15
CA SER E 128 29.91 44.02 8.01
C SER E 128 29.72 45.46 7.52
N LYS E 129 28.58 46.03 7.84
CA LYS E 129 28.29 47.39 7.37
C LYS E 129 27.93 48.38 8.49
N SER E 130 27.36 47.93 9.60
CA SER E 130 26.73 48.91 10.54
C SER E 130 27.59 49.44 11.69
N SER E 131 27.04 50.42 12.39
CA SER E 131 27.76 50.95 13.54
C SER E 131 27.32 50.35 14.86
N ASP E 132 26.07 49.91 14.95
CA ASP E 132 25.50 49.44 16.21
C ASP E 132 25.46 47.93 16.32
N LYS E 133 25.16 47.22 15.23
CA LYS E 133 24.68 45.85 15.32
C LYS E 133 25.82 44.89 15.62
N SER E 134 25.58 43.98 16.56
CA SER E 134 26.59 43.01 16.97
C SER E 134 25.92 41.71 17.36
N VAL E 135 26.70 40.65 17.36
CA VAL E 135 26.24 39.29 17.61
C VAL E 135 27.27 38.63 18.53
N CYS E 136 26.82 37.82 19.47
CA CYS E 136 27.72 37.03 20.32
C CYS E 136 27.69 35.56 19.90
N LEU E 137 28.88 34.97 19.83
CA LEU E 137 29.06 33.61 19.34
C LEU E 137 29.68 32.76 20.43
N PHE E 138 28.94 31.76 20.90
CA PHE E 138 29.45 30.75 21.83
C PHE E 138 29.86 29.54 21.02
N THR E 139 31.15 29.20 21.06
CA THR E 139 31.70 28.23 20.12
C THR E 139 32.78 27.40 20.77
N ASP E 140 32.99 26.21 20.19
CA ASP E 140 34.07 25.26 20.47
C ASP E 140 33.92 24.55 21.81
N PHE E 141 32.75 24.62 22.45
CA PHE E 141 32.47 23.80 23.61
C PHE E 141 32.29 22.34 23.18
N ASP E 142 32.48 21.43 24.12
CA ASP E 142 32.35 20.03 23.75
C ASP E 142 30.88 19.61 23.85
N SER E 143 30.59 18.40 23.38
CA SER E 143 29.19 18.06 23.11
C SER E 143 28.35 18.01 24.38
N GLN E 144 28.96 17.89 25.56
CA GLN E 144 28.20 17.79 26.79
C GLN E 144 27.68 19.14 27.30
N THR E 145 28.05 20.25 26.67
CA THR E 145 27.45 21.54 27.02
C THR E 145 26.07 21.65 26.40
N ASN E 146 25.10 22.12 27.20
CA ASN E 146 23.74 22.39 26.74
C ASN E 146 23.53 23.89 26.80
N VAL E 147 23.18 24.48 25.66
CA VAL E 147 22.80 25.88 25.63
C VAL E 147 21.34 25.99 26.02
N SER E 148 21.03 26.85 26.98
CA SER E 148 19.67 26.99 27.46
C SER E 148 18.97 28.11 26.70
N GLN E 149 17.71 27.88 26.35
CA GLN E 149 16.93 28.89 25.65
C GLN E 149 16.89 30.17 26.48
N SER E 150 16.81 31.30 25.80
CA SER E 150 16.70 32.57 26.50
C SER E 150 15.44 32.59 27.35
N LYS E 151 15.55 33.18 28.54
CA LYS E 151 14.37 33.34 29.43
C LYS E 151 14.11 34.85 29.60
N ASP E 152 14.59 35.62 28.61
CA ASP E 152 14.53 37.09 28.46
C ASP E 152 14.08 37.42 27.04
N SER E 153 12.86 37.92 26.92
CA SER E 153 12.17 38.20 25.64
C SER E 153 12.94 39.07 24.63
N ASP E 154 13.84 39.95 25.03
CA ASP E 154 14.49 40.75 23.96
C ASP E 154 15.91 40.25 23.68
N VAL E 155 16.26 39.06 24.14
CA VAL E 155 17.56 38.44 23.81
C VAL E 155 17.25 37.15 23.06
N TYR E 156 17.85 36.98 21.89
CA TYR E 156 17.61 35.80 21.07
C TYR E 156 18.84 34.90 21.11
N ILE E 157 18.61 33.63 21.38
CA ILE E 157 19.68 32.63 21.44
C ILE E 157 19.21 31.41 20.66
N THR E 158 20.03 30.97 19.71
CA THR E 158 19.71 29.77 18.93
C THR E 158 20.12 28.51 19.69
N ASP E 159 19.54 27.39 19.30
CA ASP E 159 20.09 26.11 19.77
C ASP E 159 21.50 25.92 19.21
N LYS E 160 22.21 24.95 19.77
CA LYS E 160 23.56 24.67 19.32
C LYS E 160 23.55 24.01 17.95
N CYS E 161 24.69 24.13 17.27
CA CYS E 161 24.74 23.80 15.86
C CYS E 161 26.12 23.27 15.54
N VAL E 162 26.18 22.13 14.85
CA VAL E 162 27.43 21.48 14.51
C VAL E 162 27.78 21.81 13.06
N LEU E 163 28.93 22.43 12.83
CA LEU E 163 29.48 22.59 11.50
C LEU E 163 30.69 21.70 11.32
N ASP E 164 31.00 21.35 10.08
CA ASP E 164 32.02 20.36 9.75
C ASP E 164 32.89 20.97 8.66
N MET E 165 34.08 21.41 9.04
CA MET E 165 35.09 21.80 8.07
C MET E 165 35.71 20.52 7.53
N ARG E 166 35.19 20.07 6.38
CA ARG E 166 35.45 18.72 5.87
C ARG E 166 36.93 18.53 5.50
N SER E 167 37.49 19.45 4.71
CA SER E 167 38.88 19.35 4.28
C SER E 167 39.87 19.30 5.44
N MET E 168 39.50 19.79 6.61
CA MET E 168 40.37 19.78 7.78
C MET E 168 40.01 18.70 8.78
N ASP E 169 38.93 17.94 8.53
CA ASP E 169 38.46 16.92 9.46
C ASP E 169 38.26 17.53 10.85
N PHE E 170 37.55 18.66 10.89
CA PHE E 170 37.41 19.46 12.09
C PHE E 170 35.94 19.80 12.32
N LYS E 171 35.42 19.46 13.51
CA LYS E 171 34.04 19.74 13.88
C LYS E 171 34.00 20.63 15.11
N SER E 172 32.98 21.50 15.17
CA SER E 172 32.80 22.40 16.29
C SER E 172 31.33 22.76 16.42
N ASN E 173 30.90 22.95 17.67
CA ASN E 173 29.57 23.41 18.05
C ASN E 173 29.56 24.92 18.20
N SER E 174 28.36 25.50 18.09
CA SER E 174 28.20 26.93 18.27
C SER E 174 26.73 27.26 18.50
N ALA E 175 26.52 28.38 19.18
CA ALA E 175 25.22 28.99 19.33
C ALA E 175 25.42 30.48 19.13
N VAL E 176 24.35 31.17 18.77
CA VAL E 176 24.40 32.59 18.46
C VAL E 176 23.42 33.31 19.36
N ALA E 177 23.81 34.46 19.90
CA ALA E 177 22.90 35.30 20.65
C ALA E 177 23.00 36.74 20.18
N TRP E 178 21.86 37.44 20.19
CA TRP E 178 21.87 38.85 19.81
C TRP E 178 20.71 39.57 20.47
N SER E 179 20.74 40.90 20.37
CA SER E 179 19.76 41.76 21.02
C SER E 179 19.86 43.17 20.47
N ASN E 180 18.77 43.93 20.66
CA ASN E 180 18.72 45.35 20.37
C ASN E 180 19.08 46.20 21.57
N LYS E 181 19.01 45.62 22.77
CA LYS E 181 19.22 46.32 24.02
C LYS E 181 20.50 47.15 24.00
N SER E 182 20.50 48.22 24.79
CA SER E 182 21.72 49.02 24.95
C SER E 182 22.74 48.32 25.84
N ASP E 183 22.28 47.70 26.92
CA ASP E 183 23.11 47.06 27.93
C ASP E 183 23.57 45.65 27.54
N PHE E 184 23.32 45.21 26.31
CA PHE E 184 23.59 43.83 25.97
C PHE E 184 25.08 43.61 25.72
N ALA E 185 25.65 42.64 26.42
CA ALA E 185 27.07 42.36 26.30
C ALA E 185 27.28 40.86 26.27
N CYS E 186 28.36 40.45 25.61
CA CYS E 186 28.61 39.03 25.43
C CYS E 186 29.03 38.34 26.72
N ALA E 187 29.55 39.08 27.70
CA ALA E 187 29.83 38.47 29.00
C ALA E 187 28.56 37.96 29.67
N ASN E 188 27.43 38.64 29.45
CA ASN E 188 26.15 38.26 30.04
C ASN E 188 25.30 37.41 29.11
N ALA E 189 25.63 37.33 27.82
CA ALA E 189 24.74 36.77 26.82
C ALA E 189 24.26 35.37 27.21
N PHE E 190 25.18 34.47 27.53
CA PHE E 190 24.84 33.08 27.84
C PHE E 190 24.74 32.83 29.36
N ASN E 191 24.29 33.83 30.12
CA ASN E 191 24.25 33.73 31.58
C ASN E 191 23.37 32.60 32.06
N ASN E 192 22.29 32.29 31.35
CA ASN E 192 21.33 31.29 31.79
C ASN E 192 21.68 29.87 31.34
N SER E 193 22.87 29.66 30.80
CA SER E 193 23.36 28.33 30.46
C SER E 193 24.51 27.96 31.39
N ILE E 194 24.66 26.67 31.66
CA ILE E 194 25.83 26.16 32.38
C ILE E 194 26.94 25.93 31.35
N ILE E 195 27.93 26.81 31.36
CA ILE E 195 29.01 26.77 30.37
C ILE E 195 30.31 26.40 31.08
N PRO E 196 31.31 25.86 30.39
CA PRO E 196 32.54 25.43 31.08
C PRO E 196 33.15 26.56 31.91
N GLU E 197 33.89 26.17 32.95
CA GLU E 197 34.52 27.17 33.81
C GLU E 197 35.67 27.88 33.11
N ASP E 198 36.38 27.20 32.22
CA ASP E 198 37.50 27.76 31.47
C ASP E 198 37.08 28.39 30.13
N THR E 199 35.87 28.95 30.04
CA THR E 199 35.41 29.57 28.80
C THR E 199 36.14 30.89 28.57
N PHE E 200 36.80 31.00 27.43
CA PHE E 200 37.62 32.17 27.10
C PHE E 200 36.72 33.36 26.80
N PHE E 201 36.89 34.43 27.57
CA PHE E 201 36.26 35.71 27.26
C PHE E 201 37.35 36.71 26.94
N PRO E 202 37.46 37.17 25.68
CA PRO E 202 38.59 38.03 25.28
C PRO E 202 38.72 39.29 26.12
N SER E 203 39.96 39.63 26.45
CA SER E 203 40.31 40.86 27.15
C SER E 203 40.51 42.02 26.17
#